data_1O7N
#
_entry.id   1O7N
#
_cell.length_a   139.827
_cell.length_b   139.827
_cell.length_c   208.876
_cell.angle_alpha   90.00
_cell.angle_beta   90.00
_cell.angle_gamma   120.00
#
_symmetry.space_group_name_H-M   'H 3 2'
#
loop_
_entity.id
_entity.type
_entity.pdbx_description
1 polymer 'NAPHTHALENE 1,2-DIOXYGENASE ALPHA SUBUNIT'
2 polymer 'NAPHTHALENE 1,2-DIOXYGENASE BETA SUBUNIT'
3 non-polymer 1,2-ETHANEDIOL
4 non-polymer INDOLE
5 non-polymer 'OXYGEN MOLECULE'
6 non-polymer 'SULFATE ION'
7 non-polymer 'FE2/S2 (INORGANIC) CLUSTER'
8 non-polymer 'FE (III) ION'
9 water water
#
loop_
_entity_poly.entity_id
_entity_poly.type
_entity_poly.pdbx_seq_one_letter_code
_entity_poly.pdbx_strand_id
1 'polypeptide(L)'
;MNYNNKILVSESGLSQKHLIHGDEELFQHELKTIFARNWLFLTHDSLIPAPGDYVTAKMGIDEVIVSRQNDGSIRAFLNV
CRHRGKTLVSVEAGNAKGFVCSYHGWGFGSNGELQSVPFEKDLYGESLNKKCLGLKEVARVESFHGFIYGCFDQEAPPLM
DYLGDAAWYLEPMFKHSGGLELVGPPGKVVIKANWKAPAENFVGDAYHVGWTHASSLRSGESIFSSLAGNAALPPEGAGL
QMTSKYGSGMGVLWDGYSGVHSADLVPELMAFGGAKQERLNKEIGDVRARIYRSHLNCTVFPNNSMLTCSGVFKVWNPID
ANTTEVWTYAIVEKDMPEDLKRRLADSVQRTFGPAGFWESDDNDNMETASQNGKKYQSRDSDLLSNLGFGEDVYGDAVYP
GVVGKSAIGETSYRGFYRAYQAHVSSSNWAEFEHASSTWHTELTKTTDR
;
A
2 'polypeptide(L)'
;MMINIQEDKLVSAHDAEEILRFFNCHDSALQQEATTLLTQEAHLLDIQAYRAWLEHCVGSEVQYQVISRELRAASERRYK
LNEAMNVYNENFQQLKVRVEHQLDPQNWGNSPKLRFTRFITNVQAAMDVNDKELLHIRSNVILHRARRGNQVDVFYAARE
DKWKRGEGGVRKLVQRFVDYPERILQTHNLMVFL
;
B
#
loop_
_chem_comp.id
_chem_comp.type
_chem_comp.name
_chem_comp.formula
EDO non-polymer 1,2-ETHANEDIOL 'C2 H6 O2'
FE non-polymer 'FE (III) ION' 'Fe 3'
FES non-polymer 'FE2/S2 (INORGANIC) CLUSTER' 'Fe2 S2'
IND non-polymer INDOLE 'C8 H7 N'
OXY non-polymer 'OXYGEN MOLECULE' O2
SO4 non-polymer 'SULFATE ION' 'O4 S -2'
#
# COMPACT_ATOMS: atom_id res chain seq x y z
N MET A 1 25.07 -18.02 11.37
CA MET A 1 23.96 -18.80 12.04
C MET A 1 23.58 -20.05 11.24
N ASN A 2 23.35 -21.17 11.93
CA ASN A 2 22.96 -22.42 11.28
C ASN A 2 21.44 -22.47 11.25
N TYR A 3 20.82 -22.24 10.10
CA TYR A 3 19.36 -22.15 10.13
C TYR A 3 18.69 -23.51 10.15
N ASN A 4 19.47 -24.59 10.06
CA ASN A 4 18.87 -25.90 10.19
C ASN A 4 18.53 -26.13 11.65
N ASN A 5 19.36 -25.59 12.53
CA ASN A 5 19.24 -25.86 13.95
C ASN A 5 18.75 -24.70 14.82
N LYS A 6 19.07 -23.47 14.43
CA LYS A 6 18.72 -22.31 15.26
C LYS A 6 17.23 -22.19 15.49
N ILE A 7 16.81 -22.15 16.74
CA ILE A 7 15.40 -21.98 17.04
C ILE A 7 15.06 -20.49 16.96
N LEU A 8 14.53 -20.05 15.82
CA LEU A 8 14.16 -18.65 15.70
C LEU A 8 12.74 -18.45 16.21
N VAL A 9 11.93 -19.50 16.02
CA VAL A 9 10.52 -19.50 16.45
C VAL A 9 10.33 -20.74 17.32
N SER A 10 9.78 -20.54 18.50
CA SER A 10 9.64 -21.62 19.47
C SER A 10 8.48 -22.52 19.04
N GLU A 11 8.38 -23.70 19.67
CA GLU A 11 7.32 -24.64 19.35
C GLU A 11 5.95 -23.97 19.42
N SER A 12 5.07 -24.30 18.47
CA SER A 12 3.72 -23.79 18.41
C SER A 12 3.67 -22.31 18.06
N GLY A 13 4.80 -21.74 17.67
CA GLY A 13 4.82 -20.34 17.28
C GLY A 13 4.60 -19.39 18.43
N LEU A 14 4.86 -19.81 19.65
CA LEU A 14 4.55 -19.05 20.85
C LEU A 14 5.43 -17.81 21.00
N SER A 15 6.63 -17.87 20.46
CA SER A 15 7.52 -16.71 20.55
C SER A 15 8.50 -16.74 19.41
N GLN A 16 9.13 -15.59 19.16
CA GLN A 16 10.17 -15.47 18.11
C GLN A 16 11.34 -14.68 18.67
N LYS A 17 12.54 -15.01 18.25
CA LYS A 17 13.69 -14.19 18.63
C LYS A 17 13.58 -12.83 17.97
N HIS A 18 13.77 -11.76 18.75
CA HIS A 18 13.68 -10.41 18.26
C HIS A 18 14.65 -10.10 17.10
N LEU A 19 15.80 -10.78 17.07
CA LEU A 19 16.74 -10.59 15.96
C LEU A 19 16.08 -10.85 14.61
N ILE A 20 14.97 -11.60 14.55
CA ILE A 20 14.45 -11.82 13.20
C ILE A 20 14.05 -10.53 12.48
N HIS A 21 13.76 -9.45 13.25
CA HIS A 21 13.42 -8.19 12.60
C HIS A 21 14.62 -7.30 12.26
N GLY A 22 15.80 -7.75 12.64
CA GLY A 22 16.98 -6.91 12.43
C GLY A 22 18.19 -7.54 11.80
N ASP A 23 18.27 -8.87 11.73
CA ASP A 23 19.51 -9.52 11.30
C ASP A 23 19.64 -9.51 9.79
N GLU A 24 20.71 -8.91 9.27
CA GLU A 24 20.88 -8.80 7.83
C GLU A 24 21.24 -10.15 7.20
N GLU A 25 21.99 -10.99 7.90
CA GLU A 25 22.31 -12.32 7.34
C GLU A 25 21.01 -13.12 7.19
N LEU A 26 20.11 -13.00 8.16
CA LEU A 26 18.81 -13.69 8.03
C LEU A 26 17.99 -13.10 6.89
N PHE A 27 18.03 -11.78 6.72
CA PHE A 27 17.33 -11.19 5.62
C PHE A 27 17.83 -11.79 4.32
N GLN A 28 19.15 -11.90 4.14
CA GLN A 28 19.67 -12.52 2.92
C GLN A 28 19.19 -13.97 2.77
N HIS A 29 19.12 -14.66 3.89
CA HIS A 29 18.66 -16.04 3.88
C HIS A 29 17.15 -16.13 3.52
N GLU A 30 16.36 -15.14 3.96
CA GLU A 30 14.94 -15.07 3.57
C GLU A 30 14.78 -14.85 2.09
N LEU A 31 15.72 -14.14 1.47
CA LEU A 31 15.59 -13.96 0.01
C LEU A 31 15.53 -15.34 -0.67
N LYS A 32 16.33 -16.28 -0.17
CA LYS A 32 16.33 -17.63 -0.72
C LYS A 32 15.14 -18.49 -0.27
N THR A 33 14.87 -18.49 1.02
CA THR A 33 13.95 -19.49 1.59
C THR A 33 12.53 -18.99 1.76
N ILE A 34 12.33 -17.67 1.67
CA ILE A 34 10.99 -17.11 1.74
C ILE A 34 10.63 -16.58 0.36
N PHE A 35 11.37 -15.58 -0.11
CA PHE A 35 11.00 -14.89 -1.35
C PHE A 35 11.20 -15.62 -2.65
N ALA A 36 12.25 -16.42 -2.73
CA ALA A 36 12.47 -17.19 -3.96
C ALA A 36 11.61 -18.47 -4.00
N ARG A 37 10.95 -18.78 -2.91
CA ARG A 37 10.23 -20.06 -2.76
C ARG A 37 8.72 -19.94 -2.80
N ASN A 38 8.20 -18.79 -2.38
CA ASN A 38 6.77 -18.65 -2.14
C ASN A 38 6.06 -17.76 -3.15
N TRP A 39 4.72 -17.70 -3.06
CA TRP A 39 3.89 -16.94 -3.98
C TRP A 39 3.84 -15.47 -3.55
N LEU A 40 4.11 -14.60 -4.51
CA LEU A 40 4.24 -13.14 -4.24
C LEU A 40 3.31 -12.39 -5.14
N PHE A 41 2.66 -11.35 -4.59
CA PHE A 41 1.69 -10.64 -5.38
C PHE A 41 2.33 -9.78 -6.48
N LEU A 42 1.78 -9.85 -7.69
CA LEU A 42 2.25 -9.09 -8.82
C LEU A 42 1.34 -7.95 -9.27
N THR A 43 0.12 -8.30 -9.66
CA THR A 43 -0.78 -7.30 -10.18
C THR A 43 -2.17 -7.89 -10.26
N HIS A 44 -3.07 -7.14 -10.87
CA HIS A 44 -4.44 -7.61 -11.05
C HIS A 44 -4.77 -7.52 -12.54
N ASP A 45 -5.68 -8.40 -12.99
CA ASP A 45 -6.20 -8.29 -14.36
C ASP A 45 -6.61 -6.88 -14.74
N SER A 46 -7.22 -6.16 -13.80
CA SER A 46 -7.73 -4.80 -14.02
C SER A 46 -6.66 -3.80 -14.41
N LEU A 47 -5.40 -4.14 -14.08
CA LEU A 47 -4.28 -3.23 -14.35
C LEU A 47 -3.57 -3.57 -15.66
N ILE A 48 -3.72 -4.81 -16.11
CA ILE A 48 -3.14 -5.20 -17.40
C ILE A 48 -4.17 -5.97 -18.22
N PRO A 49 -5.31 -5.35 -18.51
CA PRO A 49 -6.39 -6.12 -19.17
C PRO A 49 -6.20 -6.47 -20.64
N ALA A 50 -5.44 -5.69 -21.39
CA ALA A 50 -5.35 -5.87 -22.84
C ALA A 50 -4.01 -6.38 -23.27
N PRO A 51 -3.95 -7.14 -24.37
CA PRO A 51 -2.68 -7.63 -24.89
C PRO A 51 -1.66 -6.51 -24.99
N GLY A 52 -0.44 -6.77 -24.51
CA GLY A 52 0.61 -5.75 -24.54
C GLY A 52 0.68 -4.91 -23.28
N ASP A 53 -0.38 -4.88 -22.49
CA ASP A 53 -0.30 -4.15 -21.24
C ASP A 53 0.73 -4.81 -20.32
N TYR A 54 1.50 -3.97 -19.61
CA TYR A 54 2.45 -4.53 -18.67
C TYR A 54 2.58 -3.61 -17.47
N VAL A 55 3.09 -4.18 -16.39
CA VAL A 55 3.51 -3.37 -15.24
C VAL A 55 4.84 -3.94 -14.78
N THR A 56 5.55 -3.15 -13.98
CA THR A 56 6.66 -3.70 -13.22
C THR A 56 6.22 -3.96 -11.79
N ALA A 57 6.81 -4.97 -11.18
CA ALA A 57 6.51 -5.33 -9.80
C ALA A 57 7.80 -5.80 -9.14
N LYS A 58 7.86 -5.80 -7.82
CA LYS A 58 8.95 -6.45 -7.13
C LYS A 58 8.54 -7.84 -6.74
N MET A 59 9.52 -8.74 -6.72
CA MET A 59 9.37 -10.07 -6.16
C MET A 59 10.57 -10.20 -5.24
N GLY A 60 10.39 -10.04 -3.95
CA GLY A 60 11.53 -9.89 -3.07
C GLY A 60 12.26 -8.61 -3.45
N ILE A 61 13.58 -8.72 -3.60
CA ILE A 61 14.35 -7.56 -4.06
C ILE A 61 14.51 -7.51 -5.57
N ASP A 62 14.04 -8.54 -6.26
CA ASP A 62 14.11 -8.53 -7.73
C ASP A 62 12.97 -7.75 -8.32
N GLU A 63 13.15 -7.22 -9.51
CA GLU A 63 12.12 -6.55 -10.23
C GLU A 63 11.75 -7.36 -11.46
N VAL A 64 10.47 -7.45 -11.72
CA VAL A 64 9.95 -8.22 -12.86
C VAL A 64 9.04 -7.36 -13.71
N ILE A 65 8.95 -7.71 -14.99
CA ILE A 65 7.97 -7.15 -15.93
C ILE A 65 6.86 -8.18 -16.01
N VAL A 66 5.62 -7.73 -15.87
CA VAL A 66 4.46 -8.62 -15.89
C VAL A 66 3.63 -8.18 -17.09
N SER A 67 3.46 -9.09 -18.06
CA SER A 67 2.91 -8.73 -19.34
C SER A 67 1.75 -9.60 -19.81
N ARG A 68 0.69 -8.93 -20.28
CA ARG A 68 -0.43 -9.64 -20.89
C ARG A 68 -0.06 -10.08 -22.30
N GLN A 69 -0.10 -11.40 -22.51
CA GLN A 69 0.21 -12.02 -23.78
C GLN A 69 -0.96 -11.94 -24.76
N ASN A 70 -0.65 -12.16 -26.03
CA ASN A 70 -1.68 -12.09 -27.07
C ASN A 70 -2.78 -13.13 -26.89
N ASP A 71 -2.44 -14.26 -26.29
CA ASP A 71 -3.41 -15.34 -26.07
C ASP A 71 -4.21 -15.13 -24.78
N GLY A 72 -3.99 -13.99 -24.13
CA GLY A 72 -4.72 -13.71 -22.90
C GLY A 72 -4.07 -14.16 -21.60
N SER A 73 -2.99 -14.93 -21.68
CA SER A 73 -2.27 -15.35 -20.49
C SER A 73 -1.36 -14.20 -20.03
N ILE A 74 -0.74 -14.40 -18.86
CA ILE A 74 0.20 -13.43 -18.32
C ILE A 74 1.50 -14.15 -18.10
N ARG A 75 2.61 -13.55 -18.54
CA ARG A 75 3.92 -14.08 -18.24
C ARG A 75 4.72 -12.97 -17.55
N ALA A 76 5.69 -13.35 -16.74
CA ALA A 76 6.53 -12.37 -16.02
C ALA A 76 7.99 -12.73 -16.19
N PHE A 77 8.84 -11.71 -16.27
CA PHE A 77 10.25 -11.89 -16.55
C PHE A 77 11.07 -10.93 -15.71
N LEU A 78 12.26 -11.38 -15.37
CA LEU A 78 13.18 -10.46 -14.69
C LEU A 78 13.40 -9.24 -15.56
N ASN A 79 13.42 -8.05 -14.93
CA ASN A 79 13.62 -6.79 -15.64
C ASN A 79 15.11 -6.50 -15.79
N VAL A 80 15.78 -7.42 -16.46
CA VAL A 80 17.25 -7.42 -16.60
C VAL A 80 17.62 -7.92 -18.00
N CYS A 81 18.35 -7.11 -18.76
CA CYS A 81 18.76 -7.48 -20.11
C CYS A 81 19.72 -8.67 -20.07
N ARG A 82 19.55 -9.60 -21.01
CA ARG A 82 20.38 -10.80 -21.08
C ARG A 82 21.78 -10.54 -21.63
N HIS A 83 22.06 -9.35 -22.10
CA HIS A 83 23.37 -9.06 -22.61
C HIS A 83 24.33 -8.66 -21.48
N ARG A 84 24.36 -7.37 -21.11
CA ARG A 84 25.18 -6.92 -19.98
C ARG A 84 24.40 -6.51 -18.72
N GLY A 85 23.13 -6.90 -18.61
CA GLY A 85 22.47 -6.78 -17.30
C GLY A 85 21.83 -5.46 -16.91
N LYS A 86 21.63 -4.57 -17.88
CA LYS A 86 20.98 -3.28 -17.63
C LYS A 86 19.50 -3.51 -17.31
N THR A 87 18.90 -2.61 -16.54
CA THR A 87 17.48 -2.73 -16.27
C THR A 87 16.74 -2.37 -17.57
N LEU A 88 15.86 -3.26 -18.00
CA LEU A 88 15.24 -3.08 -19.31
C LEU A 88 14.16 -1.99 -19.34
N VAL A 89 13.24 -2.03 -18.37
CA VAL A 89 12.07 -1.15 -18.31
C VAL A 89 12.20 -0.20 -17.11
N SER A 90 12.07 1.10 -17.38
CA SER A 90 12.24 2.12 -16.37
C SER A 90 10.92 2.77 -15.94
N VAL A 91 9.81 2.27 -16.45
CA VAL A 91 8.49 2.82 -16.08
C VAL A 91 7.72 1.77 -15.28
N GLU A 92 6.58 2.15 -14.73
CA GLU A 92 5.80 1.32 -13.86
C GLU A 92 4.67 0.59 -14.60
N ALA A 93 4.21 1.16 -15.73
CA ALA A 93 3.11 0.56 -16.50
C ALA A 93 3.11 1.10 -17.90
N GLY A 94 2.52 0.34 -18.82
CA GLY A 94 2.41 0.79 -20.17
C GLY A 94 1.81 -0.29 -21.06
N ASN A 95 1.85 -0.03 -22.37
CA ASN A 95 1.43 -1.02 -23.35
C ASN A 95 2.49 -1.09 -24.44
N ALA A 96 2.99 -2.28 -24.73
CA ALA A 96 4.03 -2.43 -25.73
C ALA A 96 4.10 -3.86 -26.26
N LYS A 97 4.61 -4.02 -27.47
CA LYS A 97 4.82 -5.34 -28.03
C LYS A 97 6.18 -5.92 -27.64
N GLY A 98 7.03 -5.08 -27.04
CA GLY A 98 8.31 -5.56 -26.60
C GLY A 98 9.06 -4.41 -25.91
N PHE A 99 10.31 -4.70 -25.54
CA PHE A 99 11.10 -3.81 -24.71
C PHE A 99 12.50 -3.80 -25.30
N VAL A 100 13.01 -2.62 -25.61
CA VAL A 100 14.34 -2.44 -26.18
C VAL A 100 15.29 -1.90 -25.13
N CYS A 101 16.45 -2.54 -25.00
CA CYS A 101 17.42 -2.11 -23.99
C CYS A 101 18.13 -0.85 -24.43
N SER A 102 18.23 0.15 -23.54
CA SER A 102 18.85 1.42 -23.85
C SER A 102 20.38 1.40 -23.93
N TYR A 103 20.99 0.26 -23.63
CA TYR A 103 22.44 0.15 -23.66
C TYR A 103 22.96 -0.20 -25.09
N HIS A 104 22.67 -1.41 -25.55
CA HIS A 104 23.07 -1.82 -26.91
C HIS A 104 21.90 -2.10 -27.82
N GLY A 105 20.68 -1.84 -27.37
CA GLY A 105 19.55 -1.91 -28.29
C GLY A 105 18.94 -3.28 -28.52
N TRP A 106 19.33 -4.29 -27.73
CA TRP A 106 18.65 -5.59 -27.86
C TRP A 106 17.14 -5.46 -27.63
N GLY A 107 16.34 -6.13 -28.47
CA GLY A 107 14.90 -6.00 -28.36
C GLY A 107 14.25 -7.32 -28.00
N PHE A 108 13.51 -7.32 -26.89
CA PHE A 108 12.83 -8.50 -26.39
C PHE A 108 11.35 -8.35 -26.59
N GLY A 109 10.67 -9.45 -26.90
CA GLY A 109 9.23 -9.37 -27.06
C GLY A 109 8.51 -9.34 -25.73
N SER A 110 7.22 -9.03 -25.76
CA SER A 110 6.36 -9.14 -24.56
C SER A 110 6.33 -10.58 -24.03
N ASN A 111 6.74 -11.54 -24.87
CA ASN A 111 6.84 -12.94 -24.47
C ASN A 111 8.23 -13.30 -23.98
N GLY A 112 9.06 -12.27 -23.75
CA GLY A 112 10.39 -12.53 -23.22
C GLY A 112 11.45 -12.91 -24.23
N GLU A 113 11.04 -13.17 -25.47
CA GLU A 113 11.99 -13.72 -26.41
C GLU A 113 12.94 -12.65 -26.92
N LEU A 114 14.21 -13.03 -27.15
CA LEU A 114 15.12 -12.08 -27.80
C LEU A 114 14.74 -12.07 -29.27
N GLN A 115 14.17 -10.97 -29.73
CA GLN A 115 13.63 -10.87 -31.10
C GLN A 115 14.56 -10.16 -32.06
N SER A 116 15.37 -9.24 -31.57
CA SER A 116 16.27 -8.51 -32.43
C SER A 116 17.49 -8.04 -31.72
N VAL A 117 18.56 -8.02 -32.47
CA VAL A 117 19.85 -7.58 -32.00
C VAL A 117 20.34 -6.61 -33.08
N PRO A 118 20.70 -5.37 -32.73
CA PRO A 118 21.16 -4.44 -33.76
C PRO A 118 22.34 -4.99 -34.55
N PHE A 119 22.22 -4.88 -35.88
CA PHE A 119 23.24 -5.33 -36.81
C PHE A 119 23.64 -6.77 -36.58
N GLU A 120 22.68 -7.63 -36.23
CA GLU A 120 23.00 -9.01 -35.90
C GLU A 120 23.81 -9.71 -36.99
N LYS A 121 23.36 -9.59 -38.23
CA LYS A 121 24.03 -10.31 -39.33
C LYS A 121 25.48 -9.87 -39.48
N ASP A 122 25.72 -8.57 -39.48
CA ASP A 122 27.07 -8.04 -39.65
C ASP A 122 27.99 -8.33 -38.47
N LEU A 123 27.43 -8.39 -37.27
CA LEU A 123 28.24 -8.51 -36.08
C LEU A 123 28.36 -9.93 -35.56
N TYR A 124 27.23 -10.62 -35.41
CA TYR A 124 27.23 -11.98 -34.84
C TYR A 124 27.14 -13.03 -35.92
N GLY A 125 26.77 -12.63 -37.12
CA GLY A 125 26.58 -13.59 -38.20
C GLY A 125 25.45 -14.49 -37.75
N GLU A 126 25.66 -15.80 -37.79
CA GLU A 126 24.64 -16.75 -37.32
C GLU A 126 25.00 -17.35 -35.97
N SER A 127 26.02 -16.79 -35.32
CA SER A 127 26.57 -17.32 -34.06
C SER A 127 25.69 -17.10 -32.84
N LEU A 128 24.81 -16.09 -32.90
CA LEU A 128 23.97 -15.81 -31.74
C LEU A 128 22.75 -16.72 -31.64
N ASN A 129 22.71 -17.49 -30.56
CA ASN A 129 21.59 -18.38 -30.32
C ASN A 129 20.51 -17.62 -29.54
N LYS A 130 19.73 -16.82 -30.26
CA LYS A 130 18.72 -15.96 -29.62
C LYS A 130 17.70 -16.78 -28.84
N LYS A 131 17.44 -18.00 -29.29
CA LYS A 131 16.50 -18.87 -28.61
C LYS A 131 16.91 -19.18 -27.14
N CYS A 132 18.19 -19.04 -26.82
CA CYS A 132 18.68 -19.33 -25.49
C CYS A 132 18.89 -18.05 -24.72
N LEU A 133 18.45 -16.93 -25.29
CA LEU A 133 18.73 -15.62 -24.69
C LEU A 133 17.46 -14.85 -24.34
N GLY A 134 16.37 -15.56 -24.14
CA GLY A 134 15.14 -14.91 -23.68
C GLY A 134 15.33 -14.41 -22.23
N LEU A 135 14.48 -13.45 -21.86
CA LEU A 135 14.57 -12.93 -20.49
C LEU A 135 14.33 -14.05 -19.50
N LYS A 136 14.93 -13.96 -18.32
CA LYS A 136 14.75 -14.98 -17.31
C LYS A 136 13.32 -14.94 -16.82
N GLU A 137 12.59 -16.03 -17.02
CA GLU A 137 11.16 -16.06 -16.77
C GLU A 137 10.80 -16.57 -15.38
N VAL A 138 9.81 -15.90 -14.78
CA VAL A 138 9.23 -16.33 -13.51
C VAL A 138 8.57 -17.67 -13.77
N ALA A 139 9.00 -18.69 -13.05
CA ALA A 139 8.54 -20.06 -13.32
C ALA A 139 7.04 -20.25 -13.24
N ARG A 140 6.39 -19.61 -12.28
CA ARG A 140 4.96 -19.85 -12.04
C ARG A 140 4.21 -18.53 -11.92
N VAL A 141 3.11 -18.42 -12.64
CA VAL A 141 2.25 -17.26 -12.56
C VAL A 141 0.82 -17.79 -12.56
N GLU A 142 0.06 -17.44 -11.53
CA GLU A 142 -1.30 -17.96 -11.39
C GLU A 142 -2.21 -16.85 -10.89
N SER A 143 -3.49 -17.04 -11.10
CA SER A 143 -4.51 -16.09 -10.72
C SER A 143 -5.47 -16.60 -9.66
N PHE A 144 -5.80 -15.74 -8.70
CA PHE A 144 -6.87 -16.01 -7.75
C PHE A 144 -7.92 -14.96 -8.00
N HIS A 145 -8.98 -15.27 -8.75
CA HIS A 145 -10.05 -14.33 -9.08
C HIS A 145 -9.54 -13.00 -9.58
N GLY A 146 -8.51 -13.04 -10.44
CA GLY A 146 -7.99 -11.83 -11.05
C GLY A 146 -6.73 -11.29 -10.39
N PHE A 147 -6.46 -11.72 -9.16
CA PHE A 147 -5.25 -11.28 -8.45
C PHE A 147 -4.13 -12.21 -8.87
N ILE A 148 -3.09 -11.61 -9.46
CA ILE A 148 -2.01 -12.38 -10.09
C ILE A 148 -0.81 -12.49 -9.19
N TYR A 149 -0.36 -13.72 -8.90
CA TYR A 149 0.79 -14.00 -8.06
C TYR A 149 1.86 -14.70 -8.91
N GLY A 150 3.13 -14.54 -8.51
CA GLY A 150 4.25 -15.21 -9.16
C GLY A 150 5.05 -15.97 -8.14
N CYS A 151 5.77 -16.99 -8.61
CA CYS A 151 6.65 -17.75 -7.77
C CYS A 151 7.86 -18.19 -8.61
N PHE A 152 9.05 -17.94 -8.08
CA PHE A 152 10.25 -18.34 -8.80
C PHE A 152 10.52 -19.84 -8.74
N ASP A 153 9.89 -20.54 -7.81
CA ASP A 153 10.16 -21.95 -7.58
C ASP A 153 9.10 -22.83 -8.27
N GLN A 154 9.51 -23.52 -9.33
CA GLN A 154 8.61 -24.42 -10.05
C GLN A 154 8.03 -25.56 -9.17
N GLU A 155 8.64 -25.82 -8.03
CA GLU A 155 8.15 -26.89 -7.17
C GLU A 155 7.02 -26.47 -6.20
N ALA A 156 6.64 -25.20 -6.20
CA ALA A 156 5.61 -24.72 -5.26
C ALA A 156 4.25 -25.36 -5.48
N PRO A 157 3.41 -25.43 -4.43
CA PRO A 157 2.02 -25.86 -4.63
C PRO A 157 1.29 -24.92 -5.53
N PRO A 158 0.22 -25.33 -6.19
CA PRO A 158 -0.62 -24.39 -6.90
C PRO A 158 -1.09 -23.30 -5.93
N LEU A 159 -1.26 -22.12 -6.45
CA LEU A 159 -1.72 -20.97 -5.63
C LEU A 159 -2.96 -21.28 -4.81
N MET A 160 -3.97 -21.93 -5.40
CA MET A 160 -5.13 -22.25 -4.59
C MET A 160 -4.78 -23.15 -3.41
N ASP A 161 -3.94 -24.15 -3.63
CA ASP A 161 -3.56 -25.02 -2.52
C ASP A 161 -2.74 -24.27 -1.48
N TYR A 162 -1.87 -23.38 -1.96
CA TYR A 162 -1.06 -22.56 -1.05
C TYR A 162 -1.92 -21.66 -0.15
N LEU A 163 -3.04 -21.16 -0.66
CA LEU A 163 -3.94 -20.37 0.18
C LEU A 163 -4.56 -21.20 1.27
N GLY A 164 -4.61 -22.52 1.04
CA GLY A 164 -5.12 -23.46 2.03
C GLY A 164 -6.48 -23.05 2.57
N ASP A 165 -6.62 -23.15 3.87
CA ASP A 165 -7.88 -22.84 4.54
C ASP A 165 -8.27 -21.38 4.45
N ALA A 166 -7.31 -20.49 4.15
CA ALA A 166 -7.69 -19.10 4.03
C ALA A 166 -8.56 -18.82 2.82
N ALA A 167 -8.43 -19.63 1.76
CA ALA A 167 -9.21 -19.38 0.56
C ALA A 167 -10.71 -19.37 0.83
N TRP A 168 -11.17 -20.25 1.73
CA TRP A 168 -12.60 -20.34 2.01
C TRP A 168 -13.17 -19.00 2.47
N TYR A 169 -12.37 -18.29 3.27
CA TYR A 169 -12.80 -17.01 3.83
C TYR A 169 -12.78 -15.90 2.83
N LEU A 170 -11.84 -15.97 1.87
CA LEU A 170 -11.70 -14.93 0.86
C LEU A 170 -12.71 -15.06 -0.26
N GLU A 171 -13.14 -16.30 -0.54
CA GLU A 171 -14.03 -16.50 -1.68
C GLU A 171 -15.34 -15.68 -1.71
N PRO A 172 -16.05 -15.51 -0.59
CA PRO A 172 -17.28 -14.68 -0.67
C PRO A 172 -17.03 -13.30 -1.33
N MET A 173 -16.00 -12.59 -0.84
CA MET A 173 -15.64 -11.30 -1.43
C MET A 173 -14.90 -11.40 -2.76
N PHE A 174 -13.98 -12.36 -2.89
CA PHE A 174 -13.18 -12.43 -4.12
C PHE A 174 -13.88 -13.06 -5.32
N LYS A 175 -14.81 -13.97 -5.03
CA LYS A 175 -15.52 -14.71 -6.07
C LYS A 175 -17.02 -14.41 -6.08
N HIS A 176 -17.68 -14.68 -4.96
CA HIS A 176 -19.15 -14.63 -4.97
C HIS A 176 -19.75 -13.24 -5.09
N SER A 177 -18.97 -12.21 -4.81
CA SER A 177 -19.43 -10.83 -4.92
C SER A 177 -19.55 -10.42 -6.37
N GLY A 178 -19.05 -11.25 -7.29
CA GLY A 178 -19.03 -10.87 -8.68
C GLY A 178 -17.62 -10.47 -9.09
N GLY A 179 -16.74 -10.38 -8.10
CA GLY A 179 -15.35 -10.05 -8.36
C GLY A 179 -14.93 -8.65 -7.97
N LEU A 180 -13.63 -8.55 -7.73
CA LEU A 180 -13.01 -7.29 -7.33
C LEU A 180 -12.10 -6.75 -8.41
N GLU A 181 -11.88 -5.45 -8.35
CA GLU A 181 -10.87 -4.81 -9.17
C GLU A 181 -9.89 -4.11 -8.28
N LEU A 182 -8.66 -4.03 -8.76
CA LEU A 182 -7.65 -3.32 -8.05
C LEU A 182 -7.55 -1.94 -8.69
N VAL A 183 -7.65 -0.89 -7.88
CA VAL A 183 -7.54 0.47 -8.38
C VAL A 183 -6.11 0.97 -8.14
N GLY A 184 -5.42 1.22 -9.24
CA GLY A 184 -4.07 1.76 -9.25
C GLY A 184 -4.09 3.23 -9.65
N PRO A 185 -2.93 3.87 -9.66
CA PRO A 185 -1.65 3.27 -9.27
C PRO A 185 -1.57 3.22 -7.76
N PRO A 186 -0.67 2.42 -7.23
CA PRO A 186 -0.56 2.33 -5.78
C PRO A 186 0.22 3.56 -5.22
N GLY A 187 -0.03 3.87 -3.97
CA GLY A 187 0.89 4.74 -3.21
C GLY A 187 2.17 3.93 -2.97
N LYS A 188 3.30 4.62 -2.82
CA LYS A 188 4.57 3.96 -2.59
C LYS A 188 5.38 4.76 -1.59
N VAL A 189 5.71 4.13 -0.47
CA VAL A 189 6.46 4.80 0.61
C VAL A 189 7.44 3.85 1.24
N VAL A 190 8.61 4.34 1.62
CA VAL A 190 9.57 3.52 2.34
C VAL A 190 9.46 3.72 3.85
N ILE A 191 9.40 2.63 4.60
CA ILE A 191 9.40 2.69 6.04
C ILE A 191 10.61 1.96 6.57
N LYS A 192 11.07 2.39 7.76
CA LYS A 192 12.29 1.81 8.33
C LYS A 192 11.92 0.67 9.27
N ALA A 193 11.22 -0.31 8.68
CA ALA A 193 10.76 -1.48 9.42
C ALA A 193 11.08 -2.72 8.59
N ASN A 194 11.18 -3.85 9.30
CA ASN A 194 11.25 -5.14 8.64
C ASN A 194 9.90 -5.48 8.01
N TRP A 195 9.92 -6.15 6.86
CA TRP A 195 8.69 -6.53 6.18
C TRP A 195 7.79 -7.41 7.06
N LYS A 196 8.35 -8.12 8.01
CA LYS A 196 7.51 -8.99 8.84
C LYS A 196 6.67 -8.19 9.85
N ALA A 197 7.09 -6.96 10.17
CA ALA A 197 6.35 -6.21 11.17
C ALA A 197 4.97 -5.84 10.68
N PRO A 198 4.82 -5.22 9.53
CA PRO A 198 3.46 -4.99 9.03
C PRO A 198 2.77 -6.31 8.61
N ALA A 199 3.50 -7.29 8.08
CA ALA A 199 2.84 -8.53 7.69
C ALA A 199 2.20 -9.20 8.91
N GLU A 200 2.88 -9.23 10.06
CA GLU A 200 2.30 -9.87 11.26
C GLU A 200 1.14 -9.04 11.80
N ASN A 201 1.22 -7.73 11.66
CA ASN A 201 0.18 -6.88 12.20
C ASN A 201 -1.10 -7.09 11.43
N PHE A 202 -1.03 -7.13 10.11
CA PHE A 202 -2.23 -7.39 9.29
C PHE A 202 -2.74 -8.82 9.38
N VAL A 203 -1.86 -9.80 9.62
CA VAL A 203 -2.36 -11.19 9.58
C VAL A 203 -3.17 -11.46 10.83
N GLY A 204 -2.88 -10.84 11.94
CA GLY A 204 -3.69 -11.25 13.11
C GLY A 204 -3.60 -10.34 14.31
N ASP A 205 -3.44 -9.04 14.10
CA ASP A 205 -3.40 -8.16 15.25
C ASP A 205 -4.60 -7.24 15.37
N ALA A 206 -5.64 -7.72 16.04
CA ALA A 206 -6.78 -6.88 16.37
C ALA A 206 -6.54 -6.20 17.73
N TYR A 207 -5.70 -6.79 18.57
CA TYR A 207 -5.40 -6.25 19.91
C TYR A 207 -4.94 -4.80 19.84
N HIS A 208 -4.13 -4.44 18.85
CA HIS A 208 -3.56 -3.08 18.80
C HIS A 208 -4.55 -2.02 18.41
N VAL A 209 -5.66 -2.38 17.76
CA VAL A 209 -6.52 -1.38 17.13
C VAL A 209 -7.00 -0.24 18.05
N GLY A 210 -7.59 -0.59 19.18
CA GLY A 210 -8.13 0.41 20.10
C GLY A 210 -7.09 1.37 20.64
N TRP A 211 -5.90 0.87 20.91
CA TRP A 211 -4.85 1.68 21.51
C TRP A 211 -4.00 2.42 20.46
N THR A 212 -3.38 1.69 19.55
CA THR A 212 -2.62 2.33 18.47
C THR A 212 -3.44 3.32 17.69
N HIS A 213 -4.68 2.94 17.35
CA HIS A 213 -5.52 3.77 16.49
C HIS A 213 -6.52 4.62 17.23
N ALA A 214 -6.30 4.80 18.51
CA ALA A 214 -7.22 5.62 19.35
C ALA A 214 -7.60 6.94 18.69
N SER A 215 -6.59 7.68 18.24
CA SER A 215 -6.85 8.97 17.61
C SER A 215 -7.61 8.88 16.29
N SER A 216 -7.32 7.86 15.48
CA SER A 216 -7.98 7.70 14.20
C SER A 216 -9.41 7.23 14.40
N LEU A 217 -9.61 6.36 15.37
CA LEU A 217 -10.97 5.91 15.71
C LEU A 217 -11.84 7.10 16.17
N ARG A 218 -11.31 7.87 17.11
CA ARG A 218 -12.06 9.02 17.63
C ARG A 218 -12.29 10.08 16.57
N SER A 219 -11.27 10.47 15.82
CA SER A 219 -11.53 11.58 14.86
C SER A 219 -12.13 11.14 13.54
N GLY A 220 -11.86 9.88 13.20
CA GLY A 220 -12.18 9.26 11.95
C GLY A 220 -13.63 9.10 11.55
N GLU A 221 -14.53 9.00 12.53
CA GLU A 221 -15.96 8.83 12.23
C GLU A 221 -16.32 7.44 11.64
N SER A 222 -15.60 6.38 12.04
CA SER A 222 -15.83 4.99 11.53
C SER A 222 -16.58 3.92 12.39
N ILE A 223 -17.04 2.85 11.76
CA ILE A 223 -17.84 1.81 12.45
C ILE A 223 -17.16 1.06 13.63
N PHE A 224 -15.84 0.99 13.63
CA PHE A 224 -15.16 0.31 14.71
C PHE A 224 -14.77 1.27 15.83
N SER A 225 -15.29 2.49 15.74
CA SER A 225 -14.90 3.60 16.61
C SER A 225 -15.14 3.46 18.11
N SER A 226 -16.00 2.53 18.48
CA SER A 226 -16.27 2.35 19.91
C SER A 226 -15.03 1.83 20.62
N LEU A 227 -14.01 1.45 19.86
CA LEU A 227 -12.84 0.88 20.49
C LEU A 227 -11.83 1.96 20.93
N ALA A 228 -12.03 3.21 20.54
CA ALA A 228 -11.00 4.22 20.80
C ALA A 228 -10.43 4.31 22.23
N GLY A 229 -9.11 4.19 22.35
CA GLY A 229 -8.46 4.28 23.64
C GLY A 229 -8.81 3.15 24.58
N ASN A 230 -9.23 2.03 24.00
CA ASN A 230 -9.65 0.82 24.72
C ASN A 230 -10.83 1.13 25.62
N ALA A 231 -11.68 2.04 25.17
CA ALA A 231 -12.86 2.41 25.92
C ALA A 231 -13.81 1.24 26.02
N ALA A 232 -13.73 0.34 25.05
CA ALA A 232 -14.62 -0.80 24.98
C ALA A 232 -13.93 -1.97 24.26
N LEU A 233 -14.33 -3.19 24.62
CA LEU A 233 -13.86 -4.41 23.98
C LEU A 233 -15.00 -4.95 23.13
N PRO A 234 -14.69 -5.47 21.95
CA PRO A 234 -15.69 -6.10 21.09
C PRO A 234 -16.51 -7.12 21.90
N PRO A 235 -17.75 -7.26 21.41
CA PRO A 235 -18.73 -8.24 21.92
C PRO A 235 -18.35 -9.71 21.97
N GLU A 236 -19.37 -10.50 22.24
CA GLU A 236 -19.38 -11.95 22.25
C GLU A 236 -18.44 -12.56 21.23
N GLY A 237 -19.07 -13.14 20.23
CA GLY A 237 -18.38 -13.65 19.11
C GLY A 237 -18.43 -12.54 18.09
N ALA A 238 -17.75 -11.42 18.36
CA ALA A 238 -17.71 -10.33 17.40
C ALA A 238 -16.83 -10.70 16.21
N GLY A 239 -16.05 -11.77 16.36
CA GLY A 239 -15.18 -12.19 15.29
C GLY A 239 -14.44 -13.45 15.59
N LEU A 240 -13.50 -13.79 14.72
CA LEU A 240 -12.68 -14.96 14.95
C LEU A 240 -11.32 -14.73 14.27
N GLN A 241 -10.40 -15.67 14.48
CA GLN A 241 -9.08 -15.63 13.87
C GLN A 241 -8.83 -16.96 13.21
N MET A 242 -8.08 -16.97 12.10
CA MET A 242 -7.73 -18.24 11.49
C MET A 242 -6.32 -18.22 10.92
N THR A 243 -5.77 -19.41 10.72
CA THR A 243 -4.46 -19.54 10.09
C THR A 243 -4.45 -20.88 9.36
N SER A 244 -3.39 -21.06 8.58
CA SER A 244 -3.35 -22.15 7.60
C SER A 244 -1.96 -22.74 7.48
N LYS A 245 -1.88 -23.87 6.77
CA LYS A 245 -0.62 -24.61 6.66
C LYS A 245 0.54 -23.80 6.08
N TYR A 246 0.26 -23.05 5.03
CA TYR A 246 1.32 -22.34 4.33
C TYR A 246 1.53 -20.91 4.85
N GLY A 247 0.89 -20.59 5.95
CA GLY A 247 1.24 -19.36 6.65
C GLY A 247 0.22 -18.23 6.54
N SER A 248 -0.65 -18.27 5.53
CA SER A 248 -1.68 -17.23 5.39
C SER A 248 -2.67 -17.30 6.52
N GLY A 249 -3.20 -16.15 6.92
CA GLY A 249 -4.13 -16.12 8.03
C GLY A 249 -4.88 -14.83 8.00
N MET A 250 -5.92 -14.74 8.83
CA MET A 250 -6.69 -13.49 8.94
C MET A 250 -7.57 -13.44 10.16
N GLY A 251 -7.94 -12.22 10.47
CA GLY A 251 -9.00 -11.95 11.44
C GLY A 251 -10.30 -11.67 10.71
N VAL A 252 -11.41 -12.00 11.37
CA VAL A 252 -12.73 -11.77 10.82
C VAL A 252 -13.50 -10.96 11.86
N LEU A 253 -14.01 -9.80 11.44
CA LEU A 253 -14.83 -8.96 12.31
C LEU A 253 -16.20 -8.93 11.70
N TRP A 254 -17.10 -9.72 12.28
CA TRP A 254 -18.44 -9.86 11.75
C TRP A 254 -19.14 -8.54 11.40
N ASP A 255 -19.75 -8.54 10.21
CA ASP A 255 -20.57 -7.45 9.71
C ASP A 255 -19.90 -6.08 9.47
N GLY A 256 -18.58 -5.96 9.71
CA GLY A 256 -17.93 -4.64 9.63
C GLY A 256 -17.64 -4.16 8.20
N TYR A 257 -18.65 -4.18 7.35
CA TYR A 257 -18.52 -3.85 5.92
C TYR A 257 -17.99 -2.44 5.60
N SER A 258 -18.28 -1.44 6.43
CA SER A 258 -17.74 -0.11 6.14
C SER A 258 -16.30 0.03 6.65
N GLY A 259 -15.82 -0.92 7.44
CA GLY A 259 -14.43 -0.93 7.88
C GLY A 259 -13.92 0.36 8.50
N VAL A 260 -12.77 0.81 8.00
CA VAL A 260 -12.13 2.02 8.52
C VAL A 260 -12.71 3.31 7.93
N HIS A 261 -13.63 3.21 6.99
CA HIS A 261 -14.18 4.40 6.33
C HIS A 261 -14.93 5.30 7.29
N SER A 262 -14.69 6.59 7.08
CA SER A 262 -15.33 7.58 7.90
C SER A 262 -16.83 7.59 7.67
N ALA A 263 -17.52 8.22 8.61
CA ALA A 263 -18.95 8.27 8.60
C ALA A 263 -19.50 8.72 7.26
N ASP A 264 -18.75 9.52 6.50
CA ASP A 264 -19.20 9.95 5.16
C ASP A 264 -19.50 8.83 4.13
N LEU A 265 -19.03 7.61 4.40
CA LEU A 265 -19.29 6.45 3.52
C LEU A 265 -20.09 5.33 4.21
N VAL A 266 -20.21 5.40 5.52
CA VAL A 266 -20.85 4.32 6.28
C VAL A 266 -22.25 3.91 5.82
N PRO A 267 -23.18 4.85 5.70
CA PRO A 267 -24.53 4.48 5.28
C PRO A 267 -24.61 3.81 3.90
N GLU A 268 -23.89 4.39 2.95
CA GLU A 268 -23.90 3.88 1.59
C GLU A 268 -23.31 2.49 1.50
N LEU A 269 -22.20 2.29 2.19
CA LEU A 269 -21.56 0.98 2.20
C LEU A 269 -22.40 -0.05 2.91
N MET A 270 -22.89 0.29 4.09
CA MET A 270 -23.69 -0.69 4.82
C MET A 270 -24.94 -1.11 4.05
N ALA A 271 -25.52 -0.19 3.28
CA ALA A 271 -26.64 -0.51 2.42
C ALA A 271 -26.24 -1.45 1.28
N PHE A 272 -25.10 -1.14 0.64
CA PHE A 272 -24.63 -1.91 -0.53
C PHE A 272 -24.27 -3.32 -0.12
N GLY A 273 -23.45 -3.45 0.92
CA GLY A 273 -23.06 -4.78 1.39
C GLY A 273 -24.23 -5.63 1.89
N GLY A 274 -25.15 -4.98 2.59
CA GLY A 274 -26.32 -5.71 3.09
C GLY A 274 -27.22 -6.17 1.96
N ALA A 275 -27.38 -5.36 0.94
CA ALA A 275 -28.18 -5.75 -0.22
C ALA A 275 -27.53 -6.94 -0.94
N LYS A 276 -26.21 -6.91 -1.14
CA LYS A 276 -25.62 -8.06 -1.80
C LYS A 276 -25.65 -9.30 -0.93
N GLN A 277 -25.47 -9.13 0.38
CA GLN A 277 -25.51 -10.26 1.28
C GLN A 277 -26.87 -10.94 1.14
N GLU A 278 -27.93 -10.13 1.06
CA GLU A 278 -29.26 -10.75 0.98
C GLU A 278 -29.38 -11.68 -0.23
N ARG A 279 -28.82 -11.26 -1.36
CA ARG A 279 -28.80 -12.12 -2.55
C ARG A 279 -27.91 -13.34 -2.37
N LEU A 280 -26.78 -13.17 -1.69
CA LEU A 280 -25.81 -14.25 -1.50
C LEU A 280 -26.28 -15.34 -0.56
N ASN A 281 -27.26 -15.01 0.30
CA ASN A 281 -27.74 -15.98 1.28
C ASN A 281 -28.22 -17.25 0.55
N LYS A 282 -28.89 -17.04 -0.58
CA LYS A 282 -29.50 -18.12 -1.36
C LYS A 282 -28.49 -18.89 -2.17
N GLU A 283 -27.36 -18.25 -2.44
CA GLU A 283 -26.34 -18.88 -3.27
C GLU A 283 -25.28 -19.61 -2.50
N ILE A 284 -24.79 -19.01 -1.41
CA ILE A 284 -23.69 -19.63 -0.70
C ILE A 284 -23.98 -19.90 0.75
N GLY A 285 -25.21 -19.59 1.15
CA GLY A 285 -25.59 -19.84 2.51
C GLY A 285 -25.37 -18.63 3.40
N ASP A 286 -26.04 -18.63 4.55
CA ASP A 286 -26.02 -17.47 5.42
C ASP A 286 -24.65 -17.16 6.00
N VAL A 287 -23.90 -18.16 6.44
CA VAL A 287 -22.59 -17.94 7.04
C VAL A 287 -21.61 -17.35 6.04
N ARG A 288 -21.60 -17.87 4.82
CA ARG A 288 -20.62 -17.36 3.87
C ARG A 288 -21.05 -16.00 3.32
N ALA A 289 -22.36 -15.78 3.19
CA ALA A 289 -22.87 -14.47 2.78
C ALA A 289 -22.55 -13.43 3.83
N ARG A 290 -22.51 -13.80 5.10
CA ARG A 290 -22.16 -12.88 6.16
C ARG A 290 -20.64 -12.64 6.11
N ILE A 291 -19.84 -13.69 5.90
CA ILE A 291 -18.39 -13.52 5.74
C ILE A 291 -18.10 -12.49 4.64
N TYR A 292 -18.84 -12.50 3.53
CA TYR A 292 -18.63 -11.55 2.43
C TYR A 292 -18.63 -10.14 2.98
N ARG A 293 -19.59 -9.82 3.84
CA ARG A 293 -19.67 -8.43 4.31
C ARG A 293 -19.07 -8.23 5.69
N SER A 294 -18.13 -9.10 6.03
CA SER A 294 -17.40 -9.00 7.29
C SER A 294 -15.96 -8.55 6.97
N HIS A 295 -15.40 -7.76 7.88
CA HIS A 295 -14.07 -7.18 7.68
C HIS A 295 -12.99 -8.22 7.91
N LEU A 296 -12.19 -8.50 6.89
CA LEU A 296 -11.11 -9.48 7.02
C LEU A 296 -9.76 -8.77 6.98
N ASN A 297 -8.94 -8.97 8.01
CA ASN A 297 -7.61 -8.44 8.00
C ASN A 297 -6.74 -9.65 7.74
N CYS A 298 -6.19 -9.72 6.56
CA CYS A 298 -5.45 -10.92 6.23
C CYS A 298 -4.11 -10.68 5.53
N THR A 299 -3.19 -11.62 5.81
CA THR A 299 -1.94 -11.64 5.14
C THR A 299 -1.84 -12.95 4.34
N VAL A 300 -1.59 -12.77 3.06
CA VAL A 300 -1.30 -13.91 2.17
C VAL A 300 0.23 -14.04 2.26
N PHE A 301 0.70 -15.08 2.94
CA PHE A 301 2.11 -15.28 3.21
C PHE A 301 2.89 -15.19 1.90
N PRO A 302 4.07 -14.56 1.93
CA PRO A 302 4.67 -13.91 3.10
C PRO A 302 4.31 -12.42 3.31
N ASN A 303 4.13 -11.67 2.23
CA ASN A 303 4.20 -10.21 2.38
C ASN A 303 3.13 -9.43 1.63
N ASN A 304 1.94 -10.01 1.45
CA ASN A 304 0.82 -9.33 0.80
C ASN A 304 -0.28 -9.25 1.85
N SER A 305 -0.83 -8.07 2.14
CA SER A 305 -1.88 -7.98 3.16
C SER A 305 -3.05 -7.22 2.60
N MET A 306 -4.17 -7.34 3.30
CA MET A 306 -5.38 -6.67 2.88
C MET A 306 -6.36 -6.51 4.01
N LEU A 307 -7.21 -5.52 3.85
CA LEU A 307 -8.38 -5.37 4.71
C LEU A 307 -9.55 -5.41 3.76
N THR A 308 -10.34 -6.51 3.74
CA THR A 308 -11.48 -6.49 2.87
C THR A 308 -12.51 -5.54 3.47
N CYS A 309 -13.43 -5.08 2.62
CA CYS A 309 -14.49 -4.16 3.01
C CYS A 309 -13.94 -2.74 3.16
N SER A 310 -12.93 -2.57 3.97
CA SER A 310 -12.18 -1.31 3.97
C SER A 310 -11.57 -1.15 2.58
N GLY A 311 -11.17 -2.24 1.92
CA GLY A 311 -10.62 -2.17 0.59
C GLY A 311 -9.13 -1.83 0.47
N VAL A 312 -8.41 -2.09 1.54
CA VAL A 312 -6.96 -1.77 1.58
C VAL A 312 -6.21 -3.00 1.06
N PHE A 313 -5.23 -2.79 0.16
CA PHE A 313 -4.44 -3.89 -0.38
C PHE A 313 -2.97 -3.44 -0.38
N LYS A 314 -2.12 -4.20 0.30
CA LYS A 314 -0.73 -3.85 0.58
C LYS A 314 0.27 -4.87 0.10
N VAL A 315 1.42 -4.41 -0.32
CA VAL A 315 2.56 -5.30 -0.58
C VAL A 315 3.69 -4.71 0.27
N TRP A 316 4.32 -5.52 1.12
CA TRP A 316 5.43 -5.09 1.96
C TRP A 316 6.70 -5.55 1.27
N ASN A 317 7.23 -4.71 0.37
CA ASN A 317 8.38 -5.10 -0.45
C ASN A 317 9.69 -4.99 0.31
N PRO A 318 10.40 -6.08 0.51
CA PRO A 318 11.58 -6.05 1.36
C PRO A 318 12.75 -5.33 0.68
N ILE A 319 13.48 -4.51 1.45
CA ILE A 319 14.67 -3.85 0.91
C ILE A 319 15.90 -4.29 1.70
N ASP A 320 15.84 -4.22 3.02
CA ASP A 320 16.86 -4.81 3.89
C ASP A 320 16.17 -5.08 5.22
N ALA A 321 16.90 -5.57 6.23
CA ALA A 321 16.21 -5.96 7.47
C ALA A 321 15.41 -4.86 8.13
N ASN A 322 15.80 -3.59 7.93
CA ASN A 322 15.06 -2.50 8.55
C ASN A 322 14.56 -1.49 7.50
N THR A 323 14.29 -1.96 6.29
CA THR A 323 13.75 -1.09 5.23
C THR A 323 12.74 -1.89 4.41
N THR A 324 11.53 -1.31 4.27
CA THR A 324 10.49 -1.93 3.47
C THR A 324 9.82 -0.87 2.59
N GLU A 325 9.52 -1.21 1.35
CA GLU A 325 8.83 -0.28 0.46
C GLU A 325 7.39 -0.75 0.41
N VAL A 326 6.49 0.08 0.91
CA VAL A 326 5.08 -0.21 1.06
C VAL A 326 4.29 0.26 -0.12
N TRP A 327 3.62 -0.68 -0.79
CA TRP A 327 2.72 -0.36 -1.91
C TRP A 327 1.28 -0.50 -1.45
N THR A 328 0.45 0.52 -1.70
CA THR A 328 -0.93 0.55 -1.26
C THR A 328 -1.87 0.77 -2.41
N TYR A 329 -2.73 -0.22 -2.64
CA TYR A 329 -3.79 -0.10 -3.64
C TYR A 329 -5.14 -0.12 -2.94
N ALA A 330 -6.17 0.20 -3.72
CA ALA A 330 -7.54 0.01 -3.23
C ALA A 330 -8.18 -1.16 -3.95
N ILE A 331 -8.98 -1.93 -3.24
CA ILE A 331 -9.78 -2.97 -3.91
C ILE A 331 -11.25 -2.54 -3.83
N VAL A 332 -11.95 -2.69 -4.95
CA VAL A 332 -13.37 -2.36 -5.00
C VAL A 332 -14.13 -3.48 -5.70
N GLU A 333 -15.39 -3.62 -5.33
CA GLU A 333 -16.25 -4.61 -5.99
C GLU A 333 -16.62 -4.10 -7.37
N LYS A 334 -16.46 -4.93 -8.40
CA LYS A 334 -16.68 -4.52 -9.79
C LYS A 334 -18.06 -3.97 -10.05
N ASP A 335 -19.07 -4.48 -9.35
CA ASP A 335 -20.43 -4.00 -9.59
C ASP A 335 -20.88 -2.80 -8.77
N MET A 336 -19.97 -2.20 -7.99
CA MET A 336 -20.32 -0.97 -7.30
C MET A 336 -20.44 0.14 -8.33
N PRO A 337 -21.30 1.11 -8.08
CA PRO A 337 -21.39 2.26 -8.99
C PRO A 337 -20.01 2.94 -9.07
N GLU A 338 -19.68 3.47 -10.24
CA GLU A 338 -18.40 4.12 -10.44
C GLU A 338 -18.07 5.20 -9.45
N ASP A 339 -19.06 6.02 -9.10
CA ASP A 339 -18.76 7.13 -8.20
C ASP A 339 -18.39 6.60 -6.82
N LEU A 340 -19.02 5.51 -6.41
CA LEU A 340 -18.69 4.89 -5.13
C LEU A 340 -17.29 4.30 -5.21
N LYS A 341 -16.97 3.65 -6.32
CA LYS A 341 -15.60 3.14 -6.50
C LYS A 341 -14.55 4.22 -6.28
N ARG A 342 -14.75 5.37 -6.91
CA ARG A 342 -13.83 6.50 -6.81
C ARG A 342 -13.71 6.98 -5.36
N ARG A 343 -14.84 7.18 -4.68
CA ARG A 343 -14.79 7.63 -3.30
C ARG A 343 -14.16 6.64 -2.38
N LEU A 344 -14.44 5.36 -2.62
CA LEU A 344 -13.83 4.31 -1.82
C LEU A 344 -12.29 4.27 -1.99
N ALA A 345 -11.82 4.36 -3.22
CA ALA A 345 -10.38 4.37 -3.49
C ALA A 345 -9.71 5.56 -2.78
N ASP A 346 -10.35 6.72 -2.84
CA ASP A 346 -9.74 7.89 -2.19
C ASP A 346 -9.74 7.64 -0.71
N SER A 347 -10.79 7.01 -0.18
CA SER A 347 -10.83 6.78 1.26
C SER A 347 -9.78 5.78 1.75
N VAL A 348 -9.54 4.76 0.93
CA VAL A 348 -8.46 3.85 1.22
C VAL A 348 -7.13 4.63 1.35
N GLN A 349 -6.88 5.50 0.40
CA GLN A 349 -5.60 6.25 0.47
C GLN A 349 -5.61 7.24 1.63
N ARG A 350 -6.76 7.84 1.90
CA ARG A 350 -6.92 8.79 3.00
C ARG A 350 -6.55 8.18 4.36
N THR A 351 -6.92 6.92 4.53
CA THR A 351 -6.73 6.23 5.79
C THR A 351 -5.45 5.41 5.86
N PHE A 352 -5.11 4.73 4.76
CA PHE A 352 -3.97 3.81 4.76
C PHE A 352 -2.93 4.07 3.72
N GLY A 353 -3.04 5.14 2.95
CA GLY A 353 -2.05 5.44 1.91
C GLY A 353 -0.85 6.22 2.44
N PRO A 354 -0.12 6.84 1.53
CA PRO A 354 1.09 7.59 1.94
C PRO A 354 0.83 8.65 2.98
N ALA A 355 -0.34 9.29 2.97
CA ALA A 355 -0.72 10.22 4.00
C ALA A 355 -1.87 9.67 4.76
N GLY A 356 -1.91 8.33 4.86
CA GLY A 356 -3.00 7.68 5.58
C GLY A 356 -2.90 7.96 7.06
N PHE A 357 -3.93 8.55 7.64
CA PHE A 357 -3.81 8.88 9.05
C PHE A 357 -3.86 7.65 9.96
N TRP A 358 -4.55 6.59 9.54
CA TRP A 358 -4.51 5.37 10.34
C TRP A 358 -3.13 4.73 10.20
N GLU A 359 -2.62 4.61 8.97
CA GLU A 359 -1.33 3.96 8.74
C GLU A 359 -0.23 4.71 9.50
N SER A 360 -0.39 6.03 9.62
CA SER A 360 0.59 6.81 10.36
C SER A 360 0.68 6.39 11.83
N ASP A 361 -0.43 5.96 12.41
CA ASP A 361 -0.42 5.56 13.83
C ASP A 361 0.47 4.33 14.04
N ASP A 362 0.61 3.50 13.01
CA ASP A 362 1.39 2.24 13.12
C ASP A 362 2.87 2.45 12.89
N ASN A 363 3.30 3.58 12.31
CA ASN A 363 4.72 3.77 11.92
C ASN A 363 5.71 3.49 13.00
N ASP A 364 5.57 4.19 14.12
CA ASP A 364 6.55 4.06 15.19
C ASP A 364 6.57 2.66 15.76
N ASN A 365 5.39 2.04 15.83
CA ASN A 365 5.33 0.68 16.35
C ASN A 365 6.15 -0.25 15.48
N MET A 366 5.94 -0.21 14.17
CA MET A 366 6.67 -1.09 13.30
C MET A 366 8.12 -0.70 13.14
N GLU A 367 8.44 0.57 13.09
CA GLU A 367 9.86 0.89 12.92
C GLU A 367 10.68 0.61 14.18
N THR A 368 10.18 0.99 15.37
CA THR A 368 11.01 0.75 16.56
C THR A 368 11.07 -0.76 16.89
N ALA A 369 9.96 -1.47 16.74
CA ALA A 369 10.03 -2.90 17.02
C ALA A 369 11.10 -3.53 16.11
N SER A 370 11.16 -3.12 14.85
CA SER A 370 12.14 -3.68 13.95
C SER A 370 13.54 -3.28 14.31
N GLN A 371 13.76 -2.00 14.55
CA GLN A 371 15.10 -1.53 14.83
C GLN A 371 15.66 -2.07 16.14
N ASN A 372 14.76 -2.30 17.11
CA ASN A 372 15.18 -2.90 18.36
C ASN A 372 15.75 -4.30 18.18
N GLY A 373 15.34 -4.99 17.10
CA GLY A 373 15.91 -6.30 16.79
C GLY A 373 17.38 -6.30 16.47
N LYS A 374 17.96 -5.10 16.23
CA LYS A 374 19.40 -5.00 16.00
C LYS A 374 20.16 -4.72 17.29
N LYS A 375 19.46 -4.26 18.32
CA LYS A 375 20.15 -3.86 19.55
C LYS A 375 20.66 -5.04 20.32
N TYR A 376 21.90 -4.95 20.78
CA TYR A 376 22.58 -6.10 21.38
C TYR A 376 21.80 -6.84 22.45
N GLN A 377 21.24 -6.10 23.42
CA GLN A 377 20.54 -6.78 24.51
C GLN A 377 19.17 -7.32 24.13
N SER A 378 18.69 -7.02 22.94
CA SER A 378 17.39 -7.51 22.48
C SER A 378 17.45 -8.61 21.44
N ARG A 379 18.60 -8.81 20.78
CA ARG A 379 18.66 -9.77 19.70
C ARG A 379 18.12 -11.15 20.12
N ASP A 380 18.52 -11.59 21.31
CA ASP A 380 18.18 -12.94 21.79
C ASP A 380 16.97 -12.92 22.70
N SER A 381 16.25 -11.81 22.73
CA SER A 381 15.02 -11.73 23.52
C SER A 381 13.85 -12.33 22.77
N ASP A 382 12.74 -12.57 23.47
CA ASP A 382 11.61 -13.28 22.86
C ASP A 382 10.41 -12.39 22.68
N LEU A 383 10.01 -12.22 21.43
CA LEU A 383 8.77 -11.58 21.10
C LEU A 383 7.65 -12.59 21.40
N LEU A 384 6.61 -12.15 22.10
CA LEU A 384 5.54 -13.08 22.53
C LEU A 384 4.34 -13.09 21.63
N SER A 385 3.85 -14.31 21.30
CA SER A 385 2.60 -14.43 20.56
C SER A 385 1.75 -15.57 21.13
N ASN A 386 1.52 -15.52 22.43
CA ASN A 386 0.82 -16.62 23.12
C ASN A 386 -0.64 -16.36 23.43
N LEU A 387 -1.17 -15.19 23.09
CA LEU A 387 -2.55 -14.87 23.45
C LEU A 387 -3.47 -15.85 22.74
N GLY A 388 -4.31 -16.53 23.53
CA GLY A 388 -5.28 -17.49 22.96
C GLY A 388 -4.75 -18.90 22.81
N PHE A 389 -3.48 -19.10 23.12
CA PHE A 389 -2.92 -20.43 22.97
C PHE A 389 -3.61 -21.40 23.94
N GLY A 390 -3.92 -22.56 23.39
CA GLY A 390 -4.65 -23.63 24.06
C GLY A 390 -6.15 -23.54 23.91
N GLU A 391 -6.63 -22.59 23.13
CA GLU A 391 -8.05 -22.45 22.83
C GLU A 391 -8.35 -22.51 21.34
N ASP A 392 -7.34 -22.72 20.50
CA ASP A 392 -7.57 -22.83 19.06
C ASP A 392 -8.02 -24.25 18.71
N VAL A 393 -8.83 -24.35 17.67
CA VAL A 393 -9.30 -25.66 17.19
C VAL A 393 -8.89 -25.89 15.73
N TYR A 394 -8.97 -27.16 15.30
CA TYR A 394 -8.66 -27.68 13.96
C TYR A 394 -9.92 -28.41 13.54
N GLY A 395 -10.32 -28.20 12.29
CA GLY A 395 -11.36 -29.03 11.70
C GLY A 395 -12.79 -28.76 12.10
N ASP A 396 -13.08 -27.51 12.40
CA ASP A 396 -14.40 -27.15 12.83
C ASP A 396 -15.43 -27.42 11.76
N ALA A 397 -16.66 -27.68 12.17
CA ALA A 397 -17.71 -27.99 11.22
C ALA A 397 -18.10 -26.87 10.32
N VAL A 398 -17.86 -25.63 10.77
CA VAL A 398 -18.26 -24.49 9.96
C VAL A 398 -17.09 -23.65 9.47
N TYR A 399 -16.09 -23.44 10.29
CA TYR A 399 -15.01 -22.48 9.96
C TYR A 399 -13.72 -23.26 9.85
N PRO A 400 -13.14 -23.36 8.65
CA PRO A 400 -11.95 -24.21 8.47
C PRO A 400 -10.64 -23.54 8.86
N GLY A 401 -9.63 -24.39 9.03
CA GLY A 401 -8.28 -23.97 9.38
C GLY A 401 -8.04 -24.12 10.86
N VAL A 402 -6.93 -23.58 11.36
CA VAL A 402 -6.74 -23.50 12.79
C VAL A 402 -7.42 -22.20 13.17
N VAL A 403 -8.42 -22.30 14.05
CA VAL A 403 -9.32 -21.19 14.33
C VAL A 403 -9.41 -20.88 15.80
N GLY A 404 -9.28 -19.58 16.12
CA GLY A 404 -9.51 -19.08 17.46
C GLY A 404 -10.85 -18.40 17.41
N LYS A 405 -11.83 -18.93 18.15
CA LYS A 405 -13.18 -18.36 18.07
C LYS A 405 -13.37 -17.14 18.97
N SER A 406 -12.58 -16.10 18.70
CA SER A 406 -12.65 -14.84 19.44
C SER A 406 -12.08 -13.80 18.51
N ALA A 407 -12.54 -12.56 18.67
CA ALA A 407 -12.09 -11.50 17.79
C ALA A 407 -10.66 -11.09 17.96
N ILE A 408 -10.17 -11.17 19.19
CA ILE A 408 -8.82 -10.71 19.52
C ILE A 408 -7.94 -11.81 20.04
N GLY A 409 -6.82 -12.05 19.36
CA GLY A 409 -5.89 -13.06 19.83
C GLY A 409 -4.67 -13.11 18.94
N GLU A 410 -3.85 -14.13 19.13
CA GLU A 410 -2.59 -14.23 18.36
C GLU A 410 -2.49 -15.54 17.57
N THR A 411 -3.65 -16.18 17.33
CA THR A 411 -3.70 -17.41 16.54
C THR A 411 -2.95 -17.25 15.22
N SER A 412 -3.23 -16.14 14.53
CA SER A 412 -2.67 -15.99 13.19
C SER A 412 -1.18 -15.68 13.19
N TYR A 413 -0.68 -15.06 14.26
CA TYR A 413 0.75 -14.88 14.37
C TYR A 413 1.39 -16.26 14.46
N ARG A 414 0.81 -17.16 15.27
CA ARG A 414 1.43 -18.45 15.48
C ARG A 414 1.52 -19.24 14.19
N GLY A 415 0.48 -19.20 13.36
CA GLY A 415 0.52 -19.89 12.08
C GLY A 415 1.47 -19.28 11.07
N PHE A 416 1.59 -17.95 11.10
CA PHE A 416 2.50 -17.26 10.22
C PHE A 416 3.92 -17.64 10.58
N TYR A 417 4.27 -17.60 11.88
CA TYR A 417 5.65 -17.88 12.26
C TYR A 417 6.01 -19.35 12.22
N ARG A 418 5.03 -20.20 12.40
CA ARG A 418 5.28 -21.59 12.24
C ARG A 418 5.85 -21.85 10.85
N ALA A 419 5.04 -21.43 9.84
CA ALA A 419 5.35 -21.56 8.40
C ALA A 419 6.70 -20.90 8.09
N TYR A 420 6.94 -19.73 8.71
CA TYR A 420 8.19 -19.03 8.55
C TYR A 420 9.37 -19.92 9.02
N GLN A 421 9.31 -20.52 10.24
CA GLN A 421 10.40 -21.37 10.78
C GLN A 421 10.66 -22.55 9.82
N ALA A 422 9.55 -23.23 9.44
CA ALA A 422 9.62 -24.35 8.54
C ALA A 422 10.30 -24.00 7.23
N HIS A 423 10.05 -22.83 6.64
CA HIS A 423 10.78 -22.42 5.45
C HIS A 423 12.24 -22.08 5.75
N VAL A 424 12.52 -21.30 6.78
CA VAL A 424 13.90 -20.83 6.97
C VAL A 424 14.83 -22.01 7.29
N SER A 425 14.27 -23.11 7.82
CA SER A 425 15.08 -24.27 8.21
C SER A 425 15.05 -25.35 7.15
N SER A 426 14.43 -25.07 6.00
CA SER A 426 14.27 -26.03 4.88
C SER A 426 14.96 -25.57 3.62
N SER A 427 15.45 -26.51 2.82
CA SER A 427 16.20 -26.17 1.60
C SER A 427 15.34 -26.19 0.37
N ASN A 428 14.15 -26.75 0.51
CA ASN A 428 13.25 -26.85 -0.63
C ASN A 428 11.81 -27.12 -0.16
N TRP A 429 10.90 -27.17 -1.13
CA TRP A 429 9.51 -27.40 -0.80
C TRP A 429 9.26 -28.77 -0.13
N ALA A 430 9.96 -29.84 -0.55
CA ALA A 430 9.80 -31.15 0.09
C ALA A 430 10.12 -31.11 1.55
N GLU A 431 11.20 -30.41 1.89
CA GLU A 431 11.58 -30.32 3.29
C GLU A 431 10.53 -29.49 4.06
N PHE A 432 10.03 -28.41 3.45
CA PHE A 432 8.98 -27.66 4.12
C PHE A 432 7.79 -28.56 4.42
N GLU A 433 7.41 -29.38 3.44
CA GLU A 433 6.28 -30.31 3.65
C GLU A 433 6.57 -31.30 4.77
N HIS A 434 7.77 -31.84 4.79
CA HIS A 434 8.12 -32.75 5.87
C HIS A 434 8.04 -32.03 7.23
N ALA A 435 8.50 -30.79 7.27
CA ALA A 435 8.47 -30.02 8.49
C ALA A 435 7.08 -29.55 8.87
N SER A 436 6.10 -29.79 8.01
CA SER A 436 4.76 -29.24 8.26
C SER A 436 3.71 -30.32 8.30
N SER A 437 4.15 -31.57 8.37
CA SER A 437 3.20 -32.71 8.35
C SER A 437 2.28 -32.75 9.54
N THR A 438 2.62 -32.07 10.62
CA THR A 438 1.73 -31.97 11.76
C THR A 438 1.46 -30.49 12.12
N TRP A 439 1.33 -29.66 11.11
CA TRP A 439 1.23 -28.20 11.36
C TRP A 439 0.08 -27.84 12.29
N HIS A 440 -1.08 -28.45 12.13
CA HIS A 440 -2.23 -28.04 12.93
C HIS A 440 -2.19 -28.59 14.35
N THR A 441 -1.66 -29.80 14.53
CA THR A 441 -1.45 -30.33 15.85
C THR A 441 -0.50 -29.44 16.64
N GLU A 442 0.59 -28.99 16.01
CA GLU A 442 1.52 -28.11 16.70
C GLU A 442 0.80 -26.85 17.14
N LEU A 443 -0.07 -26.32 16.28
CA LEU A 443 -0.73 -25.08 16.65
C LEU A 443 -1.83 -25.19 17.72
N THR A 444 -2.44 -26.37 17.84
CA THR A 444 -3.55 -26.53 18.79
C THR A 444 -3.16 -27.17 20.12
N LYS A 445 -1.89 -27.48 20.32
CA LYS A 445 -1.42 -28.11 21.59
C LYS A 445 -2.06 -27.50 22.84
N THR A 446 -2.21 -28.33 23.87
CA THR A 446 -2.82 -27.92 25.14
C THR A 446 -4.35 -27.74 25.08
N THR A 447 -4.93 -27.66 23.89
CA THR A 447 -6.40 -27.57 23.81
C THR A 447 -7.03 -28.94 24.04
N ASP A 448 -7.83 -29.11 24.97
N MET B 2 3.51 32.18 -25.12
CA MET B 2 4.82 31.91 -25.76
C MET B 2 4.96 30.44 -26.11
N ILE B 3 4.81 29.61 -25.09
CA ILE B 3 5.02 28.17 -25.23
C ILE B 3 4.15 27.48 -26.25
N ASN B 4 4.82 26.68 -27.06
CA ASN B 4 4.18 25.84 -28.03
C ASN B 4 4.61 24.42 -27.66
N ILE B 5 3.69 23.61 -27.16
CA ILE B 5 4.05 22.28 -26.69
C ILE B 5 4.35 21.29 -27.82
N GLN B 6 4.05 21.66 -29.05
CA GLN B 6 4.45 20.83 -30.17
C GLN B 6 5.96 20.97 -30.37
N GLU B 7 6.48 22.16 -30.10
CA GLU B 7 7.91 22.43 -30.19
C GLU B 7 8.63 22.06 -28.88
N ASP B 8 8.08 22.53 -27.76
CA ASP B 8 8.70 22.26 -26.46
C ASP B 8 8.15 20.93 -26.03
N LYS B 9 8.80 19.89 -26.52
CA LYS B 9 8.32 18.52 -26.45
C LYS B 9 8.10 17.96 -25.06
N LEU B 10 8.82 18.50 -24.08
CA LEU B 10 8.71 17.97 -22.72
C LEU B 10 7.62 18.63 -21.86
N VAL B 11 6.94 19.62 -22.41
CA VAL B 11 6.00 20.41 -21.61
C VAL B 11 4.60 19.87 -21.72
N SER B 12 3.95 19.70 -20.59
CA SER B 12 2.55 19.27 -20.60
C SER B 12 1.59 20.41 -20.91
N ALA B 13 0.42 20.06 -21.44
CA ALA B 13 -0.59 21.10 -21.76
C ALA B 13 -0.98 21.88 -20.52
N HIS B 14 -1.18 21.17 -19.40
CA HIS B 14 -1.49 21.85 -18.15
C HIS B 14 -0.42 22.86 -17.76
N ASP B 15 0.84 22.42 -17.79
CA ASP B 15 1.90 23.33 -17.39
C ASP B 15 1.97 24.55 -18.30
N ALA B 16 1.78 24.36 -19.61
CA ALA B 16 1.80 25.51 -20.53
C ALA B 16 0.67 26.50 -20.24
N GLU B 17 -0.51 25.97 -19.87
CA GLU B 17 -1.63 26.85 -19.49
C GLU B 17 -1.29 27.71 -18.27
N GLU B 18 -0.61 27.14 -17.28
CA GLU B 18 -0.24 27.93 -16.10
C GLU B 18 0.81 29.02 -16.36
N ILE B 19 1.78 28.74 -17.23
CA ILE B 19 2.71 29.77 -17.66
C ILE B 19 1.95 30.96 -18.20
N LEU B 20 1.04 30.68 -19.12
CA LEU B 20 0.28 31.73 -19.75
C LEU B 20 -0.43 32.60 -18.73
N ARG B 21 -0.93 32.00 -17.66
CA ARG B 21 -1.70 32.80 -16.72
C ARG B 21 -0.87 33.85 -15.97
N PHE B 22 0.40 33.55 -15.69
CA PHE B 22 1.24 34.48 -14.94
C PHE B 22 2.08 35.41 -15.78
N PHE B 23 2.40 35.01 -16.99
CA PHE B 23 3.27 35.84 -17.78
C PHE B 23 2.51 37.09 -18.24
N ASN B 24 1.18 37.00 -18.26
CA ASN B 24 0.37 38.15 -18.66
C ASN B 24 -0.24 38.92 -17.45
N CYS B 25 -0.37 40.23 -17.60
CA CYS B 25 -0.98 41.07 -16.57
C CYS B 25 -0.32 40.97 -15.19
N HIS B 26 0.88 41.52 -15.05
CA HIS B 26 1.56 41.45 -13.76
C HIS B 26 1.15 42.62 -12.87
N ASP B 27 0.81 42.30 -11.63
CA ASP B 27 0.39 43.29 -10.65
C ASP B 27 1.31 43.09 -9.46
N SER B 28 2.30 43.95 -9.31
CA SER B 28 3.25 43.84 -8.23
C SER B 28 2.59 43.83 -6.81
N ALA B 29 1.56 44.63 -6.61
CA ALA B 29 0.89 44.68 -5.32
C ALA B 29 0.28 43.33 -4.96
N LEU B 30 -0.28 42.68 -5.96
CA LEU B 30 -0.91 41.38 -5.79
C LEU B 30 0.14 40.34 -5.42
N GLN B 31 1.30 40.41 -6.07
CA GLN B 31 2.38 39.49 -5.74
C GLN B 31 2.77 39.62 -4.28
N GLN B 32 2.86 40.84 -3.80
CA GLN B 32 3.27 41.09 -2.42
C GLN B 32 2.18 40.63 -1.46
N GLU B 33 0.92 40.87 -1.79
CA GLU B 33 -0.17 40.41 -0.95
C GLU B 33 -0.17 38.88 -0.86
N ALA B 34 0.10 38.22 -1.99
CA ALA B 34 0.11 36.76 -2.02
C ALA B 34 1.26 36.25 -1.16
N THR B 35 2.39 36.95 -1.19
CA THR B 35 3.54 36.54 -0.40
C THR B 35 3.22 36.62 1.07
N THR B 36 2.55 37.70 1.49
CA THR B 36 2.19 37.87 2.89
C THR B 36 1.26 36.78 3.35
N LEU B 37 0.24 36.54 2.55
CA LEU B 37 -0.78 35.55 2.84
C LEU B 37 -0.14 34.15 3.03
N LEU B 38 0.74 33.75 2.12
CA LEU B 38 1.37 32.45 2.21
C LEU B 38 2.32 32.37 3.35
N THR B 39 2.98 33.48 3.68
CA THR B 39 3.90 33.46 4.79
C THR B 39 3.14 33.29 6.10
N GLN B 40 1.99 33.95 6.21
CA GLN B 40 1.20 33.81 7.43
C GLN B 40 0.62 32.41 7.53
N GLU B 41 0.16 31.86 6.43
CA GLU B 41 -0.37 30.48 6.44
C GLU B 41 0.73 29.51 6.92
N ALA B 42 1.94 29.67 6.37
CA ALA B 42 3.03 28.79 6.72
C ALA B 42 3.41 28.91 8.17
N HIS B 43 3.30 30.11 8.74
CA HIS B 43 3.64 30.34 10.14
C HIS B 43 2.62 29.59 11.01
N LEU B 44 1.33 29.72 10.68
CA LEU B 44 0.31 29.01 11.45
C LEU B 44 0.56 27.50 11.42
N LEU B 45 0.88 26.98 10.25
CA LEU B 45 1.16 25.52 10.13
C LEU B 45 2.41 25.16 10.88
N ASP B 46 3.47 25.98 10.81
CA ASP B 46 4.71 25.61 11.46
C ASP B 46 4.60 25.50 12.95
N ILE B 47 3.78 26.35 13.57
CA ILE B 47 3.60 26.28 15.03
C ILE B 47 2.50 25.30 15.43
N GLN B 48 1.97 24.56 14.45
CA GLN B 48 0.94 23.54 14.62
C GLN B 48 -0.38 24.09 15.13
N ALA B 49 -0.71 25.29 14.65
CA ALA B 49 -1.98 25.93 14.98
C ALA B 49 -3.01 25.47 13.96
N TYR B 50 -3.27 24.17 13.94
CA TYR B 50 -4.09 23.62 12.87
C TYR B 50 -5.53 24.10 12.89
N ARG B 51 -6.09 24.32 14.08
CA ARG B 51 -7.46 24.84 14.13
C ARG B 51 -7.48 26.27 13.59
N ALA B 52 -6.51 27.07 14.02
CA ALA B 52 -6.44 28.46 13.52
C ALA B 52 -6.23 28.46 11.99
N TRP B 53 -5.43 27.52 11.48
CA TRP B 53 -5.25 27.44 10.05
C TRP B 53 -6.57 27.16 9.35
N LEU B 54 -7.31 26.17 9.86
CA LEU B 54 -8.60 25.86 9.26
C LEU B 54 -9.53 27.08 9.30
N GLU B 55 -9.56 27.75 10.44
CA GLU B 55 -10.51 28.85 10.67
C GLU B 55 -10.15 30.11 9.90
N HIS B 56 -8.86 30.38 9.79
CA HIS B 56 -8.40 31.63 9.21
C HIS B 56 -7.99 31.49 7.77
N CYS B 57 -7.63 30.29 7.35
CA CYS B 57 -7.03 30.18 6.02
C CYS B 57 -7.73 29.28 5.03
N VAL B 58 -8.70 28.48 5.48
CA VAL B 58 -9.27 27.44 4.61
C VAL B 58 -10.76 27.65 4.34
N GLY B 59 -11.16 27.73 3.07
CA GLY B 59 -12.57 27.96 2.74
C GLY B 59 -13.45 26.74 2.87
N SER B 60 -14.73 26.96 3.17
CA SER B 60 -15.65 25.85 3.27
C SER B 60 -15.71 25.00 2.01
N GLU B 61 -15.46 25.59 0.83
CA GLU B 61 -15.58 24.86 -0.43
C GLU B 61 -14.25 24.25 -0.89
N VAL B 62 -13.25 24.25 -0.02
CA VAL B 62 -11.96 23.78 -0.41
C VAL B 62 -11.86 22.36 -0.96
N GLN B 63 -10.96 22.22 -1.95
CA GLN B 63 -10.45 20.91 -2.40
C GLN B 63 -8.94 20.97 -2.18
N TYR B 64 -8.43 20.12 -1.29
CA TYR B 64 -6.99 20.11 -0.95
C TYR B 64 -6.48 18.78 -1.49
N GLN B 65 -5.73 18.86 -2.60
CA GLN B 65 -5.37 17.65 -3.36
C GLN B 65 -3.87 17.53 -3.62
N VAL B 66 -3.32 16.36 -3.30
CA VAL B 66 -1.90 16.05 -3.60
C VAL B 66 -1.94 14.72 -4.32
N ILE B 67 -1.43 14.68 -5.56
CA ILE B 67 -1.45 13.42 -6.31
C ILE B 67 -0.07 12.81 -6.46
N SER B 68 -0.06 11.49 -6.71
CA SER B 68 1.17 10.71 -7.03
C SER B 68 0.89 10.09 -8.42
N ARG B 69 1.65 10.50 -9.43
CA ARG B 69 1.44 10.08 -10.81
C ARG B 69 2.28 8.87 -11.13
N GLU B 70 1.67 7.83 -11.70
CA GLU B 70 2.43 6.65 -12.09
C GLU B 70 3.47 6.96 -13.17
N LEU B 71 4.64 6.34 -13.06
CA LEU B 71 5.70 6.54 -14.06
C LEU B 71 5.35 5.81 -15.34
N ARG B 72 5.24 6.57 -16.43
CA ARG B 72 4.87 5.99 -17.74
C ARG B 72 5.87 6.44 -18.77
N ALA B 73 5.94 5.75 -19.91
CA ALA B 73 6.94 6.08 -20.90
C ALA B 73 6.58 7.41 -21.50
N ALA B 74 7.60 8.21 -21.82
CA ALA B 74 7.33 9.50 -22.42
C ALA B 74 6.63 9.32 -23.77
N SER B 75 6.89 8.20 -24.42
CA SER B 75 6.26 7.87 -25.72
C SER B 75 4.99 7.05 -25.61
N GLU B 76 4.48 6.86 -24.40
CA GLU B 76 3.25 6.07 -24.21
C GLU B 76 2.00 6.74 -24.77
N ARG B 77 1.21 6.00 -25.55
CA ARG B 77 -0.03 6.58 -26.08
C ARG B 77 -1.20 5.61 -26.06
N ARG B 78 -0.96 4.35 -25.66
CA ARG B 78 -2.06 3.37 -25.64
C ARG B 78 -2.67 3.08 -24.28
N TYR B 79 -1.84 2.95 -23.25
CA TYR B 79 -2.29 2.62 -21.91
C TYR B 79 -3.02 3.78 -21.26
N LYS B 80 -4.32 3.62 -21.02
CA LYS B 80 -5.15 4.74 -20.60
C LYS B 80 -5.81 4.65 -19.20
N LEU B 81 -5.29 3.77 -18.36
CA LEU B 81 -5.82 3.58 -17.02
C LEU B 81 -5.42 4.70 -16.07
N ASN B 82 -6.12 4.79 -14.94
CA ASN B 82 -5.84 5.79 -13.91
C ASN B 82 -4.38 6.23 -13.85
N GLU B 83 -4.11 7.49 -14.16
CA GLU B 83 -2.73 8.02 -14.21
C GLU B 83 -2.13 8.32 -12.87
N ALA B 84 -3.00 8.64 -11.92
CA ALA B 84 -2.55 9.09 -10.60
C ALA B 84 -3.49 8.63 -9.52
N MET B 85 -2.99 8.72 -8.31
CA MET B 85 -3.76 8.47 -7.13
C MET B 85 -3.66 9.67 -6.24
N ASN B 86 -4.58 9.74 -5.31
CA ASN B 86 -4.69 10.90 -4.42
C ASN B 86 -4.09 10.60 -3.06
N VAL B 87 -2.95 11.21 -2.78
CA VAL B 87 -2.39 11.13 -1.44
C VAL B 87 -3.32 11.92 -0.49
N TYR B 88 -3.76 13.09 -0.98
CA TYR B 88 -4.82 13.88 -0.36
C TYR B 88 -5.82 14.24 -1.43
N ASN B 89 -7.08 14.28 -1.05
CA ASN B 89 -8.15 14.84 -1.92
C ASN B 89 -9.29 15.17 -0.99
N GLU B 90 -9.08 16.24 -0.23
CA GLU B 90 -9.90 16.52 0.93
C GLU B 90 -10.80 17.71 0.78
N ASN B 91 -12.02 17.52 1.26
CA ASN B 91 -12.94 18.64 1.45
C ASN B 91 -12.72 19.20 2.88
N PHE B 92 -13.47 20.24 3.27
CA PHE B 92 -13.25 20.87 4.56
C PHE B 92 -13.43 19.88 5.70
N GLN B 93 -14.51 19.10 5.66
CA GLN B 93 -14.73 18.14 6.74
C GLN B 93 -13.59 17.12 6.89
N GLN B 94 -13.04 16.69 5.76
CA GLN B 94 -11.94 15.74 5.76
C GLN B 94 -10.69 16.38 6.33
N LEU B 95 -10.46 17.66 5.97
CA LEU B 95 -9.38 18.37 6.64
C LEU B 95 -9.60 18.48 8.13
N LYS B 96 -10.84 18.78 8.53
CA LYS B 96 -11.15 18.85 9.94
C LYS B 96 -10.86 17.50 10.67
N VAL B 97 -11.21 16.38 10.04
CA VAL B 97 -10.88 15.07 10.64
C VAL B 97 -9.35 14.95 10.86
N ARG B 98 -8.57 15.38 9.85
CA ARG B 98 -7.12 15.28 9.99
C ARG B 98 -6.59 16.21 11.07
N VAL B 99 -7.21 17.38 11.21
CA VAL B 99 -6.81 18.30 12.26
C VAL B 99 -7.14 17.76 13.64
N GLU B 100 -8.34 17.15 13.78
CA GLU B 100 -8.71 16.54 15.07
C GLU B 100 -7.74 15.39 15.41
N HIS B 101 -7.35 14.62 14.40
CA HIS B 101 -6.37 13.54 14.59
C HIS B 101 -5.03 14.09 15.11
N GLN B 102 -4.60 15.23 14.55
CA GLN B 102 -3.35 15.85 15.03
C GLN B 102 -3.48 16.33 16.48
N LEU B 103 -4.65 16.83 16.86
CA LEU B 103 -4.81 17.45 18.18
C LEU B 103 -5.21 16.49 19.29
N ASP B 104 -5.54 15.23 18.93
CA ASP B 104 -6.05 14.26 19.90
C ASP B 104 -4.95 13.92 20.88
N PRO B 105 -5.19 13.93 22.18
CA PRO B 105 -4.13 13.62 23.13
C PRO B 105 -3.67 12.17 23.12
N GLN B 106 -4.33 11.31 22.36
CA GLN B 106 -3.89 9.91 22.22
C GLN B 106 -3.23 9.68 20.88
N ASN B 107 -2.82 10.76 20.25
CA ASN B 107 -2.05 10.62 19.02
C ASN B 107 -0.63 10.48 19.53
N TRP B 108 -0.23 9.24 19.78
CA TRP B 108 1.03 8.97 20.41
C TRP B 108 2.21 9.46 19.61
N GLY B 109 2.05 9.51 18.29
CA GLY B 109 3.17 9.91 17.45
C GLY B 109 3.49 11.40 17.59
N ASN B 110 2.60 12.17 18.21
CA ASN B 110 2.84 13.60 18.43
C ASN B 110 3.52 13.93 19.76
N SER B 111 4.04 12.92 20.46
CA SER B 111 4.79 13.14 21.69
C SER B 111 6.07 12.33 21.61
N PRO B 112 7.24 12.98 21.71
CA PRO B 112 7.40 14.43 21.93
C PRO B 112 6.96 15.24 20.71
N LYS B 113 6.63 16.49 20.96
CA LYS B 113 6.19 17.41 19.91
C LYS B 113 7.13 17.50 18.72
N LEU B 114 6.52 17.41 17.55
CA LEU B 114 7.22 17.54 16.26
C LEU B 114 7.68 18.98 16.08
N ARG B 115 8.64 19.17 15.20
CA ARG B 115 9.09 20.51 14.85
C ARG B 115 8.99 20.64 13.33
N PHE B 116 8.30 21.68 12.90
CA PHE B 116 8.12 22.00 11.49
C PHE B 116 8.75 23.33 11.13
N THR B 117 9.35 23.40 9.95
CA THR B 117 9.89 24.67 9.43
C THR B 117 9.58 24.67 7.94
N ARG B 118 8.87 25.67 7.43
CA ARG B 118 8.45 25.74 6.02
C ARG B 118 9.16 26.89 5.34
N PHE B 119 9.53 26.70 4.09
CA PHE B 119 10.21 27.74 3.33
C PHE B 119 9.42 27.92 2.05
N ILE B 120 8.76 29.07 1.91
CA ILE B 120 7.91 29.37 0.76
C ILE B 120 8.63 30.28 -0.19
N THR B 121 8.71 29.92 -1.46
CA THR B 121 9.40 30.75 -2.46
C THR B 121 8.65 30.80 -3.77
N ASN B 122 9.22 31.54 -4.72
CA ASN B 122 8.72 31.60 -6.08
C ASN B 122 7.22 31.91 -6.18
N VAL B 123 6.79 32.87 -5.39
CA VAL B 123 5.37 33.24 -5.38
C VAL B 123 4.97 34.00 -6.66
N GLN B 124 3.88 33.55 -7.27
CA GLN B 124 3.29 34.27 -8.41
C GLN B 124 1.80 34.35 -8.15
N ALA B 125 1.17 35.44 -8.56
CA ALA B 125 -0.28 35.60 -8.37
C ALA B 125 -0.93 36.19 -9.60
N ALA B 126 -2.14 35.73 -9.92
CA ALA B 126 -2.89 36.31 -11.03
C ALA B 126 -4.36 36.15 -10.73
N MET B 127 -5.13 37.22 -10.97
CA MET B 127 -6.55 37.13 -10.81
C MET B 127 -7.22 36.20 -11.79
N ASP B 128 -8.23 35.47 -11.34
CA ASP B 128 -9.00 34.65 -12.25
C ASP B 128 -9.71 35.57 -13.24
N VAL B 129 -9.78 35.14 -14.49
CA VAL B 129 -10.37 35.93 -15.56
C VAL B 129 -11.86 36.06 -15.43
N ASN B 130 -12.49 35.01 -14.92
CA ASN B 130 -13.95 34.94 -14.86
C ASN B 130 -14.56 35.29 -13.50
N ASP B 131 -14.02 34.70 -12.44
CA ASP B 131 -14.51 34.88 -11.09
C ASP B 131 -13.66 35.88 -10.34
N LYS B 132 -14.14 37.11 -10.19
CA LYS B 132 -13.32 38.13 -9.56
C LYS B 132 -13.17 37.97 -8.04
N GLU B 133 -13.75 36.93 -7.44
CA GLU B 133 -13.47 36.62 -6.04
C GLU B 133 -12.19 35.79 -5.92
N LEU B 134 -11.69 35.32 -7.04
CA LEU B 134 -10.62 34.30 -6.98
C LEU B 134 -9.27 34.74 -7.49
N LEU B 135 -8.25 34.38 -6.71
CA LEU B 135 -6.88 34.68 -7.06
C LEU B 135 -6.12 33.35 -7.23
N HIS B 136 -5.39 33.24 -8.35
CA HIS B 136 -4.55 32.10 -8.57
C HIS B 136 -3.17 32.42 -7.98
N ILE B 137 -2.69 31.57 -7.06
CA ILE B 137 -1.37 31.77 -6.46
C ILE B 137 -0.54 30.51 -6.66
N ARG B 138 0.63 30.65 -7.22
CA ARG B 138 1.58 29.52 -7.35
C ARG B 138 2.73 29.80 -6.41
N SER B 139 3.24 28.76 -5.76
CA SER B 139 4.39 28.92 -4.87
C SER B 139 5.04 27.57 -4.71
N ASN B 140 6.33 27.58 -4.33
CA ASN B 140 7.03 26.34 -4.05
C ASN B 140 7.31 26.25 -2.55
N VAL B 141 7.38 25.02 -2.04
CA VAL B 141 7.61 24.85 -0.62
C VAL B 141 8.56 23.77 -0.29
N ILE B 142 9.47 24.10 0.63
CA ILE B 142 10.40 23.12 1.23
C ILE B 142 9.85 23.01 2.65
N LEU B 143 9.51 21.78 3.06
CA LEU B 143 8.97 21.58 4.38
C LEU B 143 9.91 20.61 5.14
N HIS B 144 10.43 21.06 6.27
CA HIS B 144 11.34 20.27 7.11
C HIS B 144 10.58 19.84 8.38
N ARG B 145 10.57 18.52 8.61
CA ARG B 145 9.88 17.94 9.76
C ARG B 145 10.95 17.16 10.57
N ALA B 146 11.12 17.52 11.83
CA ALA B 146 12.06 16.83 12.70
C ALA B 146 11.36 16.29 13.90
N ARG B 147 11.74 15.08 14.30
CA ARG B 147 11.11 14.49 15.48
C ARG B 147 11.99 13.42 16.06
N ARG B 148 11.79 13.20 17.36
CA ARG B 148 12.41 12.06 18.05
C ARG B 148 13.88 11.91 17.94
N GLY B 149 14.53 13.05 18.05
CA GLY B 149 15.96 13.09 18.13
C GLY B 149 16.68 13.12 16.80
N ASN B 150 16.48 12.10 16.00
CA ASN B 150 17.27 11.95 14.78
C ASN B 150 16.45 11.67 13.51
N GLN B 151 15.14 11.87 13.57
CA GLN B 151 14.34 11.72 12.37
C GLN B 151 14.17 13.09 11.73
N VAL B 152 14.52 13.17 10.45
CA VAL B 152 14.43 14.43 9.68
C VAL B 152 13.91 14.07 8.29
N ASP B 153 12.82 14.69 7.91
CA ASP B 153 12.24 14.47 6.59
C ASP B 153 12.05 15.80 5.93
N VAL B 154 12.46 15.89 4.68
CA VAL B 154 12.33 17.13 3.93
C VAL B 154 11.46 16.90 2.69
N PHE B 155 10.43 17.70 2.53
CA PHE B 155 9.49 17.61 1.40
C PHE B 155 9.68 18.80 0.49
N TYR B 156 9.47 18.59 -0.81
CA TYR B 156 9.68 19.62 -1.83
C TYR B 156 8.50 19.59 -2.77
N ALA B 157 7.87 20.72 -3.04
CA ALA B 157 6.74 20.68 -3.97
C ALA B 157 6.40 22.05 -4.50
N ALA B 158 5.74 22.05 -5.66
CA ALA B 158 5.10 23.24 -6.23
C ALA B 158 3.61 23.15 -5.94
N ARG B 159 3.02 24.28 -5.55
CA ARG B 159 1.59 24.36 -5.20
C ARG B 159 0.83 25.26 -6.16
N GLU B 160 -0.26 24.76 -6.71
CA GLU B 160 -1.14 25.55 -7.56
C GLU B 160 -2.39 25.82 -6.73
N ASP B 161 -2.55 27.05 -6.23
CA ASP B 161 -3.68 27.38 -5.36
C ASP B 161 -4.67 28.35 -6.01
N LYS B 162 -5.91 28.26 -5.52
CA LYS B 162 -6.93 29.30 -5.76
C LYS B 162 -7.36 29.73 -4.38
N TRP B 163 -7.36 31.04 -4.16
CA TRP B 163 -7.78 31.66 -2.92
C TRP B 163 -8.93 32.63 -3.21
N LYS B 164 -9.95 32.63 -2.33
CA LYS B 164 -11.06 33.57 -2.50
C LYS B 164 -10.86 34.80 -1.58
N ARG B 165 -11.37 35.96 -1.95
CA ARG B 165 -11.24 37.18 -1.17
C ARG B 165 -11.76 37.04 0.23
N GLY B 166 -12.85 36.28 0.36
CA GLY B 166 -13.47 36.10 1.65
C GLY B 166 -14.14 37.40 2.10
N GLU B 167 -14.23 37.55 3.42
CA GLU B 167 -14.84 38.73 4.05
C GLU B 167 -13.86 39.39 5.02
N GLY B 168 -13.95 40.70 5.17
CA GLY B 168 -13.08 41.36 6.13
C GLY B 168 -11.60 41.24 5.86
N GLY B 169 -11.24 40.95 4.61
CA GLY B 169 -9.85 40.80 4.21
C GLY B 169 -9.23 39.46 4.59
N VAL B 170 -10.03 38.50 5.02
CA VAL B 170 -9.49 37.20 5.42
C VAL B 170 -9.59 36.26 4.20
N ARG B 171 -8.48 36.13 3.47
CA ARG B 171 -8.46 35.32 2.25
C ARG B 171 -8.45 33.88 2.62
N LYS B 172 -9.15 33.06 1.86
CA LYS B 172 -9.21 31.63 2.20
C LYS B 172 -8.96 30.76 1.00
N LEU B 173 -8.26 29.66 1.28
CA LEU B 173 -7.92 28.70 0.25
C LEU B 173 -9.15 27.91 -0.23
N VAL B 174 -9.41 27.93 -1.53
CA VAL B 174 -10.50 27.14 -2.09
C VAL B 174 -9.99 25.97 -2.91
N GLN B 175 -8.73 26.00 -3.32
CA GLN B 175 -8.15 24.82 -3.96
C GLN B 175 -6.66 24.86 -3.78
N ARG B 176 -6.09 23.71 -3.43
CA ARG B 176 -4.65 23.54 -3.49
C ARG B 176 -4.44 22.26 -4.29
N PHE B 177 -3.57 22.33 -5.30
CA PHE B 177 -3.21 21.18 -6.09
C PHE B 177 -1.69 21.03 -6.10
N VAL B 178 -1.23 19.83 -5.74
CA VAL B 178 0.20 19.50 -5.80
C VAL B 178 0.32 18.17 -6.53
N ASP B 179 1.23 18.13 -7.50
CA ASP B 179 1.61 16.89 -8.17
C ASP B 179 2.96 16.51 -7.54
N TYR B 180 2.96 15.61 -6.57
CA TYR B 180 4.17 15.41 -5.75
C TYR B 180 5.33 14.90 -6.60
N PRO B 181 6.52 15.50 -6.53
CA PRO B 181 7.56 15.14 -7.51
C PRO B 181 8.25 13.78 -7.30
N GLU B 182 8.24 13.23 -6.10
CA GLU B 182 8.89 11.96 -5.86
C GLU B 182 7.85 10.87 -5.91
N ARG B 183 8.04 9.89 -6.77
CA ARG B 183 7.07 8.80 -6.86
C ARG B 183 7.09 7.86 -5.64
N ILE B 184 8.28 7.50 -5.17
CA ILE B 184 8.38 6.64 -3.99
C ILE B 184 8.85 7.53 -2.85
N LEU B 185 8.02 7.73 -1.86
CA LEU B 185 8.40 8.61 -0.74
C LEU B 185 9.50 8.03 0.14
N GLN B 186 10.44 8.86 0.59
CA GLN B 186 11.57 8.43 1.47
C GLN B 186 11.55 9.27 2.75
N THR B 187 10.33 9.67 3.13
CA THR B 187 10.08 10.49 4.32
C THR B 187 9.20 9.80 5.36
N HIS B 188 9.11 8.46 5.28
CA HIS B 188 8.24 7.61 6.17
C HIS B 188 6.73 7.73 5.86
N ASN B 189 6.27 8.92 5.56
CA ASN B 189 4.87 9.16 5.17
C ASN B 189 4.81 10.57 4.63
N LEU B 190 3.60 10.97 4.17
CA LEU B 190 3.40 12.32 3.68
C LEU B 190 2.40 13.03 4.57
N MET B 191 2.44 12.70 5.85
CA MET B 191 1.53 13.23 6.88
C MET B 191 1.82 14.67 7.24
N VAL B 192 1.97 15.52 6.26
CA VAL B 192 2.23 16.95 6.48
C VAL B 192 1.34 17.75 5.55
N PHE B 193 0.95 18.94 5.98
CA PHE B 193 0.19 19.83 5.12
C PHE B 193 1.13 20.65 4.25
N LEU B 194 1.21 20.30 2.99
CA LEU B 194 2.00 21.04 2.04
C LEU B 194 1.24 22.32 1.72
C1 EDO C . 13.47 -13.42 -4.52
O1 EDO C . 14.09 -13.86 -5.74
C2 EDO C . 14.48 -12.71 -3.64
O2 EDO C . 14.61 -11.36 -4.11
C1 EDO D . 22.46 -11.47 -17.76
O1 EDO D . 21.53 -12.53 -17.75
C2 EDO D . 22.48 -10.51 -16.59
O2 EDO D . 22.00 -10.92 -15.32
C1 EDO E . 20.31 -6.75 -0.61
O1 EDO E . 19.92 -8.05 -0.93
C2 EDO E . 19.23 -6.07 0.22
O2 EDO E . 19.56 -6.01 1.59
C1 EDO F . -9.79 6.50 -8.19
O1 EDO F . -8.80 6.65 -9.19
C2 EDO F . -9.96 7.77 -7.37
O2 EDO F . -10.31 8.87 -8.19
N1 IND G . -4.97 -5.47 11.59
C2 IND G . -4.37 -4.40 10.96
C3 IND G . -5.26 -3.35 10.71
C4 IND G . -7.71 -3.26 11.26
C5 IND G . -8.78 -3.96 11.82
C6 IND G . -8.59 -5.25 12.35
C7 IND G . -7.36 -5.89 12.35
C8 IND G . -6.28 -5.22 11.80
C9 IND G . -6.47 -3.88 11.25
O1 OXY H . -3.92 -1.14 11.70
O2 OXY H . -2.72 -1.72 11.12
S SO4 I . 18.06 -18.00 -33.38
O1 SO4 I . 19.09 -16.96 -33.22
O2 SO4 I . 17.91 -18.76 -32.14
O3 SO4 I . 16.82 -17.35 -33.78
O4 SO4 I . 18.56 -18.92 -34.40
FE1 FES J . 23.57 -4.63 -23.88
FE2 FES J . 21.07 -4.63 -22.87
S1 FES J . 21.62 -4.59 -25.01
S2 FES J . 22.99 -4.52 -21.73
FE FE K . -2.67 -0.60 12.75
C1 EDO L . -5.72 -0.69 -20.55
O1 EDO L . -5.70 -1.66 -21.58
C2 EDO L . -6.39 0.56 -21.08
O2 EDO L . -5.47 1.22 -21.93
C1 EDO M . -1.36 16.81 7.95
O1 EDO M . -1.10 15.48 7.55
C2 EDO M . -1.01 16.91 9.42
O2 EDO M . 0.39 17.07 9.56
S SO4 N . -10.42 15.94 -9.92
O1 SO4 N . -9.25 15.13 -9.53
O2 SO4 N . -11.05 16.50 -8.71
O3 SO4 N . -10.00 17.02 -10.80
O4 SO4 N . -11.39 15.09 -10.62
S SO4 O . -15.87 30.20 4.99
O1 SO4 O . -15.25 31.45 5.42
O2 SO4 O . -15.68 29.21 6.03
O3 SO4 O . -17.29 30.48 4.82
O4 SO4 O . -15.37 29.69 3.72
S SO4 P . -11.38 42.53 -0.61
O1 SO4 P . -10.68 43.68 0.00
O2 SO4 P . -11.98 41.72 0.48
O3 SO4 P . -12.40 43.08 -1.50
O4 SO4 P . -10.37 41.76 -1.38
C1 EDO Q . 11.71 30.23 17.76
O1 EDO Q . 10.67 29.53 17.14
C2 EDO Q . 12.84 30.38 16.79
O2 EDO Q . 13.37 29.15 16.32
#